data_3O6W
#
_entry.id   3O6W
#
_cell.length_a   50.540
_cell.length_b   93.590
_cell.length_c   114.290
_cell.angle_alpha   90.00
_cell.angle_beta   102.42
_cell.angle_gamma   90.00
#
_symmetry.space_group_name_H-M   'P 1 21 1'
#
loop_
_entity.id
_entity.type
_entity.pdbx_description
1 polymer Hexokinase
2 non-polymer GLYCEROL
3 non-polymer 'PHOSPHATE ION'
4 water water
#
_entity_poly.entity_id   1
_entity_poly.type   'polypeptide(L)'
_entity_poly.pdbx_seq_one_letter_code
;MVRLGPKKPPARKGSMADVPANLMEQIHGLETLFTVSSEKMRSIVKHFISELDKGLSKKGGNIPMIPGWVVEYPTGKETG
DFLALDLGGTNLRVVLVKLGGNHDFDTTQNKYRLPDHLRTGTSEQLWSFIAKCLKEFVDEWYPDGVSEPLPLGFTFSYPA
SQKKINSGVLQRWTKGFDIEGVEGHDVVPMLQEQIEKLNIPINVVALINDTTGTLVASLYTDPQTKMGIIIGTGVNGAYY
DVVSGIEKLEGLLPEDIGPDSPMAINCEYGSFDNEHLVLPRTKYDVIIDEESPRPGQQAFEKMTSGYYLGEIMRLVLLDL
YDSGFIFKDQDISKLKEAYVMDTSYPSKIEDDPFENLEDTDDLFKTNLNIETTVVERKLIRKLAELVGTRAARLTVCGVS
AICDKRGYKTAHIAADGSVFNRYPGYKEKAAQALKDIYNWDVEKMEDHPIQLVAAEDGSGVGAAIIACLTQKRLAAGKSV
GIKGE
;
_entity_poly.pdbx_strand_id   A,B
#
loop_
_chem_comp.id
_chem_comp.type
_chem_comp.name
_chem_comp.formula
GOL non-polymer GLYCEROL 'C3 H8 O3'
PO4 non-polymer 'PHOSPHATE ION' 'O4 P -3'
#
# COMPACT_ATOMS: atom_id res chain seq x y z
N VAL A 19 23.22 66.02 0.83
CA VAL A 19 22.08 65.83 -0.14
C VAL A 19 21.28 67.14 -0.24
N PRO A 20 21.06 67.64 -1.47
CA PRO A 20 20.32 68.91 -1.59
C PRO A 20 18.87 68.76 -1.13
N ALA A 21 18.17 69.86 -0.94
CA ALA A 21 16.76 69.81 -0.55
C ALA A 21 15.93 68.99 -1.55
N ASN A 22 16.23 69.15 -2.85
CA ASN A 22 15.55 68.44 -3.94
C ASN A 22 15.63 66.93 -3.84
N LEU A 23 16.85 66.38 -3.74
CA LEU A 23 17.00 64.93 -3.54
C LEU A 23 16.53 64.47 -2.18
N MET A 24 16.67 65.29 -1.13
CA MET A 24 16.11 64.89 0.16
C MET A 24 14.59 64.72 0.07
N GLU A 25 13.92 65.64 -0.63
CA GLU A 25 12.50 65.53 -0.80
C GLU A 25 12.15 64.24 -1.57
N GLN A 26 12.95 63.92 -2.59
CA GLN A 26 12.72 62.69 -3.35
C GLN A 26 12.99 61.43 -2.52
N ILE A 27 13.99 61.48 -1.64
CA ILE A 27 14.25 60.36 -0.74
C ILE A 27 13.06 60.17 0.21
N HIS A 28 12.50 61.27 0.73
CA HIS A 28 11.29 61.14 1.57
C HIS A 28 10.13 60.54 0.79
N GLY A 29 10.09 60.82 -0.50
CA GLY A 29 9.06 60.23 -1.37
C GLY A 29 9.24 58.72 -1.49
N LEU A 30 10.51 58.30 -1.66
CA LEU A 30 10.85 56.86 -1.69
C LEU A 30 10.46 56.14 -0.41
N GLU A 31 10.70 56.80 0.72
CA GLU A 31 10.36 56.21 2.00
C GLU A 31 8.84 56.07 2.12
N THR A 32 8.11 57.07 1.63
CA THR A 32 6.64 57.00 1.66
C THR A 32 6.13 55.90 0.73
N LEU A 33 6.78 55.74 -0.43
CA LEU A 33 6.40 54.68 -1.36
C LEU A 33 6.56 53.27 -0.80
N PHE A 34 7.70 53.02 -0.15
CA PHE A 34 8.15 51.66 0.08
C PHE A 34 8.13 51.17 1.52
N THR A 35 7.95 52.06 2.48
CA THR A 35 7.92 51.61 3.87
C THR A 35 6.62 50.83 4.12
N VAL A 36 6.75 49.71 4.83
CA VAL A 36 5.55 48.94 5.24
C VAL A 36 5.52 48.96 6.77
N SER A 37 4.49 49.58 7.34
CA SER A 37 4.35 49.69 8.78
C SER A 37 3.99 48.33 9.42
N SER A 38 4.24 48.22 10.73
CA SER A 38 3.80 47.03 11.47
C SER A 38 2.28 46.86 11.40
N GLU A 39 1.54 47.98 11.42
CA GLU A 39 0.09 47.91 11.36
C GLU A 39 -0.35 47.38 9.99
N LYS A 40 0.32 47.84 8.93
CA LYS A 40 0.01 47.34 7.60
C LYS A 40 0.30 45.85 7.48
N MET A 41 1.45 45.40 8.00
CA MET A 41 1.77 43.99 8.00
C MET A 41 0.68 43.20 8.72
N ARG A 42 0.24 43.69 9.89
CA ARG A 42 -0.80 42.95 10.61
C ARG A 42 -2.10 42.85 9.80
N SER A 43 -2.46 43.91 9.07
CA SER A 43 -3.67 43.86 8.23
C SER A 43 -3.52 42.89 7.06
N ILE A 44 -2.34 42.88 6.44
CA ILE A 44 -2.02 41.93 5.37
C ILE A 44 -2.15 40.50 5.90
N VAL A 45 -1.57 40.25 7.08
CA VAL A 45 -1.65 38.91 7.67
C VAL A 45 -3.10 38.45 7.89
N LYS A 46 -3.96 39.32 8.38
CA LYS A 46 -5.36 38.92 8.60
C LYS A 46 -6.02 38.49 7.30
N HIS A 47 -5.80 39.27 6.24
CA HIS A 47 -6.34 38.91 4.95
C HIS A 47 -5.71 37.62 4.40
N PHE A 48 -4.40 37.47 4.58
CA PHE A 48 -3.69 36.25 4.17
C PHE A 48 -4.32 35.02 4.84
N ILE A 49 -4.60 35.09 6.13
CA ILE A 49 -5.23 33.96 6.85
C ILE A 49 -6.59 33.63 6.21
N SER A 50 -7.38 34.66 5.95
CA SER A 50 -8.68 34.46 5.30
C SER A 50 -8.48 33.74 3.94
N GLU A 51 -7.45 34.13 3.19
CA GLU A 51 -7.19 33.51 1.89
C GLU A 51 -6.63 32.08 2.00
N LEU A 52 -5.88 31.79 3.07
CA LEU A 52 -5.47 30.40 3.29
C LEU A 52 -6.71 29.54 3.54
N ASP A 53 -7.59 30.01 4.43
CA ASP A 53 -8.85 29.30 4.69
C ASP A 53 -9.68 29.13 3.41
N LYS A 54 -9.77 30.20 2.62
CA LYS A 54 -10.54 30.15 1.37
C LYS A 54 -9.98 29.10 0.40
N GLY A 55 -8.66 29.00 0.29
CA GLY A 55 -8.09 28.03 -0.62
C GLY A 55 -8.33 26.57 -0.20
N LEU A 56 -8.58 26.34 1.09
CA LEU A 56 -8.89 25.01 1.61
C LEU A 56 -10.38 24.68 1.51
N SER A 57 -11.20 25.68 1.17
CA SER A 57 -12.66 25.49 1.13
C SER A 57 -13.09 24.80 -0.16
N LYS A 58 -14.31 24.27 -0.18
CA LYS A 58 -14.86 23.67 -1.41
C LYS A 58 -14.86 24.61 -2.63
N LYS A 59 -15.21 25.88 -2.43
CA LYS A 59 -15.21 26.85 -3.53
C LYS A 59 -13.81 27.22 -3.99
N GLY A 60 -12.84 27.10 -3.09
CA GLY A 60 -11.45 27.45 -3.42
C GLY A 60 -11.22 28.94 -3.49
N GLY A 61 -9.97 29.34 -3.75
CA GLY A 61 -9.66 30.76 -3.94
C GLY A 61 -8.39 30.90 -4.74
N ASN A 62 -7.83 32.10 -4.78
CA ASN A 62 -6.59 32.32 -5.52
C ASN A 62 -5.39 31.55 -4.99
N ILE A 63 -5.37 31.20 -3.70
CA ILE A 63 -4.25 30.40 -3.18
C ILE A 63 -4.62 28.91 -3.35
N PRO A 64 -3.82 28.13 -4.10
CA PRO A 64 -4.20 26.74 -4.37
C PRO A 64 -4.36 25.84 -3.14
N MET A 65 -3.49 26.00 -2.12
CA MET A 65 -3.57 25.22 -0.87
C MET A 65 -3.66 23.73 -1.21
N ILE A 66 -2.61 23.21 -1.84
CA ILE A 66 -2.65 21.88 -2.42
C ILE A 66 -2.29 20.82 -1.37
N PRO A 67 -3.20 19.85 -1.11
CA PRO A 67 -2.79 18.75 -0.23
C PRO A 67 -1.60 18.00 -0.78
N GLY A 68 -0.61 17.80 0.09
CA GLY A 68 0.64 17.13 -0.34
C GLY A 68 0.73 15.64 0.00
N TRP A 69 -0.30 15.11 0.66
CA TRP A 69 -0.42 13.67 0.89
C TRP A 69 0.67 13.09 1.75
N VAL A 70 1.21 13.95 2.63
CA VAL A 70 2.03 13.52 3.74
C VAL A 70 1.16 13.74 4.97
N VAL A 71 0.81 12.64 5.63
CA VAL A 71 -0.24 12.66 6.67
C VAL A 71 0.31 12.25 8.03
N GLU A 72 1.63 12.27 8.12
CA GLU A 72 2.34 12.00 9.37
C GLU A 72 3.56 12.92 9.47
N TYR A 73 4.01 13.18 10.70
CA TYR A 73 5.25 13.89 10.92
C TYR A 73 6.40 12.88 11.00
N PRO A 74 7.59 13.26 10.51
CA PRO A 74 8.76 12.40 10.80
C PRO A 74 9.05 12.47 12.28
N THR A 75 9.47 11.35 12.86
CA THR A 75 9.80 11.29 14.29
C THR A 75 11.25 11.65 14.55
N GLY A 76 12.08 11.49 13.54
CA GLY A 76 13.52 11.66 13.69
C GLY A 76 14.22 10.36 14.02
N LYS A 77 13.41 9.32 14.23
CA LYS A 77 13.92 8.00 14.62
C LYS A 77 14.01 7.08 13.40
N GLU A 78 13.60 7.58 12.24
CA GLU A 78 13.63 6.78 11.01
C GLU A 78 15.06 6.44 10.63
N THR A 79 15.24 5.24 10.08
CA THR A 79 16.57 4.79 9.63
C THR A 79 16.41 4.14 8.27
N GLY A 80 17.50 4.04 7.53
CA GLY A 80 17.48 3.30 6.27
C GLY A 80 17.89 4.14 5.09
N ASP A 81 17.93 3.50 3.93
CA ASP A 81 18.44 4.09 2.70
C ASP A 81 17.28 4.44 1.77
N PHE A 82 17.29 5.68 1.31
CA PHE A 82 16.20 6.18 0.47
C PHE A 82 16.76 7.03 -0.64
N LEU A 83 16.08 6.98 -1.79
CA LEU A 83 16.54 7.74 -2.94
C LEU A 83 15.65 8.95 -3.21
N ALA A 84 16.26 9.95 -3.83
CA ALA A 84 15.50 11.05 -4.40
C ALA A 84 15.94 11.31 -5.83
N LEU A 85 15.01 11.77 -6.64
CA LEU A 85 15.28 12.20 -7.99
C LEU A 85 14.74 13.60 -8.20
N ASP A 86 15.50 14.46 -8.86
CA ASP A 86 14.99 15.76 -9.25
C ASP A 86 15.33 16.03 -10.70
N LEU A 87 14.31 16.32 -11.52
CA LEU A 87 14.50 16.56 -12.94
C LEU A 87 14.63 18.06 -13.24
N GLY A 88 15.85 18.53 -13.47
CA GLY A 88 16.05 19.94 -13.84
C GLY A 88 15.92 20.17 -15.32
N GLY A 89 16.08 21.42 -15.74
CA GLY A 89 16.09 21.76 -17.16
C GLY A 89 17.40 21.36 -17.83
N THR A 90 18.46 21.31 -17.03
CA THR A 90 19.82 21.02 -17.51
C THR A 90 20.33 19.66 -17.05
N ASN A 91 20.04 19.34 -15.79
CA ASN A 91 20.57 18.15 -15.12
C ASN A 91 19.50 17.37 -14.36
N LEU A 92 19.73 16.07 -14.28
CA LEU A 92 18.99 15.18 -13.40
C LEU A 92 19.87 15.04 -12.16
N ARG A 93 19.31 15.22 -10.96
CA ARG A 93 20.05 14.96 -9.73
C ARG A 93 19.50 13.69 -9.08
N VAL A 94 20.38 12.76 -8.73
CA VAL A 94 20.01 11.54 -8.00
C VAL A 94 20.70 11.60 -6.64
N VAL A 95 19.94 11.37 -5.57
CA VAL A 95 20.45 11.54 -4.22
C VAL A 95 20.17 10.26 -3.45
N LEU A 96 21.19 9.76 -2.75
CA LEU A 96 21.01 8.71 -1.74
C LEU A 96 21.09 9.33 -0.35
N VAL A 97 20.09 9.05 0.49
CA VAL A 97 20.04 9.53 1.84
C VAL A 97 19.99 8.32 2.77
N LYS A 98 20.95 8.27 3.70
CA LYS A 98 20.99 7.24 4.76
C LYS A 98 20.54 7.90 6.05
N LEU A 99 19.33 7.56 6.50
CA LEU A 99 18.79 8.16 7.74
C LEU A 99 19.40 7.46 8.94
N GLY A 100 19.90 8.25 9.90
CA GLY A 100 20.64 7.71 11.05
C GLY A 100 19.82 7.48 12.31
N GLY A 101 18.54 7.85 12.31
CA GLY A 101 17.69 7.59 13.47
C GLY A 101 17.84 8.51 14.67
N ASN A 102 18.58 9.59 14.50
CA ASN A 102 18.61 10.62 15.52
C ASN A 102 18.62 11.98 14.89
N HIS A 103 17.59 12.23 14.09
CA HIS A 103 17.40 13.54 13.45
C HIS A 103 18.60 13.84 12.55
N ASP A 104 19.28 12.78 12.08
CA ASP A 104 20.53 12.92 11.35
C ASP A 104 20.53 12.08 10.06
N PHE A 105 21.42 12.42 9.14
CA PHE A 105 21.52 11.67 7.89
C PHE A 105 22.87 11.89 7.21
N ASP A 106 23.23 10.97 6.30
CA ASP A 106 24.38 11.14 5.43
C ASP A 106 23.80 11.13 4.02
N THR A 107 24.48 11.81 3.11
CA THR A 107 23.96 11.91 1.77
C THR A 107 25.08 11.90 0.74
N THR A 108 24.76 11.36 -0.42
CA THR A 108 25.62 11.56 -1.59
C THR A 108 24.75 11.70 -2.82
N GLN A 109 25.31 12.32 -3.85
CA GLN A 109 24.54 12.60 -5.03
C GLN A 109 25.40 12.66 -6.27
N ASN A 110 24.74 12.43 -7.39
CA ASN A 110 25.32 12.60 -8.70
C ASN A 110 24.38 13.47 -9.52
N LYS A 111 24.94 14.38 -10.31
CA LYS A 111 24.19 15.13 -11.31
C LYS A 111 24.54 14.59 -12.70
N TYR A 112 23.51 14.31 -13.49
CA TYR A 112 23.67 13.79 -14.85
C TYR A 112 23.16 14.81 -15.84
N ARG A 113 24.02 15.29 -16.74
CA ARG A 113 23.59 16.29 -17.73
C ARG A 113 22.58 15.65 -18.71
N LEU A 114 21.45 16.32 -18.91
CA LEU A 114 20.48 15.88 -19.91
C LEU A 114 21.08 16.05 -21.30
N PRO A 115 20.98 15.00 -22.14
CA PRO A 115 21.38 15.16 -23.54
C PRO A 115 20.57 16.30 -24.18
N ASP A 116 21.19 16.99 -25.14
CA ASP A 116 20.64 18.22 -25.73
C ASP A 116 19.20 18.01 -26.26
N HIS A 117 18.99 16.84 -26.86
CA HIS A 117 17.73 16.55 -27.55
C HIS A 117 16.58 16.22 -26.62
N LEU A 118 16.88 15.88 -25.36
CA LEU A 118 15.89 15.24 -24.54
C LEU A 118 14.70 16.14 -24.24
N ARG A 119 14.94 17.45 -24.09
CA ARG A 119 13.88 18.38 -23.71
C ARG A 119 12.75 18.46 -24.74
N THR A 120 13.05 18.12 -25.98
CA THR A 120 12.06 18.15 -27.04
C THR A 120 11.88 16.78 -27.71
N GLY A 121 12.25 15.73 -26.98
CA GLY A 121 12.20 14.35 -27.49
C GLY A 121 10.91 13.68 -27.10
N THR A 122 10.95 12.36 -26.91
CA THR A 122 9.74 11.58 -26.58
C THR A 122 9.70 11.10 -25.15
N SER A 123 8.51 10.68 -24.71
CA SER A 123 8.31 10.12 -23.38
C SER A 123 9.24 8.94 -23.12
N GLU A 124 9.29 7.99 -24.05
CA GLU A 124 10.19 6.84 -23.92
C GLU A 124 11.66 7.27 -23.71
N GLN A 125 12.10 8.25 -24.49
CA GLN A 125 13.47 8.72 -24.38
C GLN A 125 13.74 9.32 -23.01
N LEU A 126 12.78 10.10 -22.50
CA LEU A 126 12.98 10.68 -21.20
C LEU A 126 13.11 9.64 -20.10
N TRP A 127 12.13 8.74 -20.01
CA TRP A 127 12.10 7.79 -18.88
C TRP A 127 13.19 6.74 -18.99
N SER A 128 13.57 6.39 -20.22
CA SER A 128 14.68 5.45 -20.43
C SER A 128 16.00 6.12 -19.98
N PHE A 129 16.20 7.39 -20.34
CA PHE A 129 17.40 8.12 -19.86
C PHE A 129 17.45 8.13 -18.33
N ILE A 130 16.35 8.51 -17.68
CA ILE A 130 16.33 8.61 -16.23
C ILE A 130 16.61 7.25 -15.59
N ALA A 131 15.97 6.19 -16.11
CA ALA A 131 16.22 4.83 -15.61
C ALA A 131 17.69 4.43 -15.80
N LYS A 132 18.29 4.77 -16.94
CA LYS A 132 19.69 4.46 -17.13
C LYS A 132 20.60 5.15 -16.11
N CYS A 133 20.30 6.40 -15.75
CA CYS A 133 21.10 7.09 -14.71
C CYS A 133 20.91 6.45 -13.34
N LEU A 134 19.67 6.08 -13.03
CA LEU A 134 19.39 5.42 -11.75
C LEU A 134 20.15 4.12 -11.66
N LYS A 135 20.18 3.35 -12.76
CA LYS A 135 20.98 2.11 -12.77
C LYS A 135 22.46 2.38 -12.52
N GLU A 136 23.02 3.39 -13.20
CA GLU A 136 24.44 3.71 -12.99
C GLU A 136 24.69 4.09 -11.54
N PHE A 137 23.77 4.85 -10.96
CA PHE A 137 23.89 5.31 -9.59
C PHE A 137 23.82 4.13 -8.61
N VAL A 138 22.81 3.28 -8.79
CA VAL A 138 22.64 2.14 -7.88
C VAL A 138 23.80 1.17 -8.00
N ASP A 139 24.34 0.96 -9.20
CA ASP A 139 25.47 0.03 -9.36
C ASP A 139 26.74 0.59 -8.78
N GLU A 140 26.85 1.92 -8.70
CA GLU A 140 28.01 2.56 -8.07
C GLU A 140 27.99 2.33 -6.55
N TRP A 141 26.83 2.57 -5.94
CA TRP A 141 26.72 2.60 -4.49
C TRP A 141 26.32 1.26 -3.89
N TYR A 142 25.78 0.38 -4.72
CA TYR A 142 25.37 -0.96 -4.28
C TYR A 142 25.86 -2.02 -5.27
N PRO A 143 27.18 -2.10 -5.45
CA PRO A 143 27.70 -2.97 -6.51
C PRO A 143 27.31 -4.45 -6.29
N ASP A 144 27.09 -4.82 -5.03
CA ASP A 144 26.65 -6.18 -4.70
C ASP A 144 25.13 -6.30 -4.53
N GLY A 145 24.39 -5.28 -4.96
CA GLY A 145 22.93 -5.27 -4.84
C GLY A 145 22.47 -4.78 -3.48
N VAL A 146 21.16 -4.87 -3.24
CA VAL A 146 20.54 -4.30 -2.04
C VAL A 146 19.77 -5.35 -1.25
N SER A 147 19.61 -5.11 0.05
CA SER A 147 18.89 -6.03 0.95
C SER A 147 17.37 -5.98 0.69
N GLU A 148 16.89 -4.82 0.25
CA GLU A 148 15.48 -4.66 -0.13
C GLU A 148 15.41 -3.49 -1.11
N PRO A 149 14.31 -3.36 -1.88
CA PRO A 149 14.28 -2.31 -2.88
C PRO A 149 14.35 -0.93 -2.24
N LEU A 150 15.00 -0.02 -2.95
CA LEU A 150 15.15 1.36 -2.50
C LEU A 150 13.89 2.18 -2.83
N PRO A 151 13.20 2.72 -1.82
CA PRO A 151 12.07 3.61 -2.13
C PRO A 151 12.61 4.93 -2.64
N LEU A 152 11.92 5.48 -3.64
CA LEU A 152 12.35 6.74 -4.29
C LEU A 152 11.26 7.77 -4.24
N GLY A 153 11.63 9.00 -3.86
CA GLY A 153 10.77 10.17 -3.98
C GLY A 153 11.25 11.02 -5.13
N PHE A 154 10.31 11.51 -5.91
CA PHE A 154 10.60 12.25 -7.14
C PHE A 154 10.08 13.67 -7.00
N THR A 155 11.02 14.62 -6.97
CA THR A 155 10.66 16.05 -7.00
C THR A 155 10.47 16.40 -8.47
N PHE A 156 9.23 16.71 -8.82
CA PHE A 156 8.85 16.88 -10.21
C PHE A 156 8.36 18.32 -10.33
N SER A 157 9.26 19.18 -10.77
CA SER A 157 9.05 20.62 -10.70
C SER A 157 8.39 21.19 -11.94
N TYR A 158 7.27 20.59 -12.33
CA TYR A 158 6.47 21.00 -13.49
C TYR A 158 5.02 20.99 -13.02
N PRO A 159 4.15 21.80 -13.68
CA PRO A 159 2.75 21.85 -13.25
C PRO A 159 2.12 20.46 -13.35
N ALA A 160 1.67 19.97 -12.21
CA ALA A 160 1.13 18.61 -12.11
C ALA A 160 0.14 18.57 -10.96
N SER A 161 -0.71 17.56 -10.98
CA SER A 161 -1.64 17.34 -9.87
C SER A 161 -1.59 15.87 -9.47
N GLN A 162 -2.03 15.60 -8.26
CA GLN A 162 -2.08 14.23 -7.81
C GLN A 162 -3.22 14.02 -6.82
N LYS A 163 -3.81 12.83 -6.90
CA LYS A 163 -4.91 12.45 -5.99
C LYS A 163 -4.39 11.49 -4.93
N LYS A 164 -3.11 11.12 -5.03
CA LYS A 164 -2.40 10.28 -4.05
C LYS A 164 -0.91 10.55 -4.25
N ILE A 165 -0.11 10.30 -3.23
CA ILE A 165 1.28 10.78 -3.29
C ILE A 165 2.11 10.03 -4.33
N ASN A 166 1.78 8.77 -4.59
CA ASN A 166 2.55 7.97 -5.55
C ASN A 166 1.97 8.08 -6.94
N SER A 167 1.85 9.33 -7.37
CA SER A 167 1.24 9.66 -8.65
C SER A 167 1.59 11.10 -8.99
N GLY A 168 1.60 11.43 -10.27
CA GLY A 168 1.65 12.84 -10.64
C GLY A 168 1.28 12.99 -12.09
N VAL A 169 0.17 13.68 -12.34
CA VAL A 169 -0.32 13.83 -13.70
C VAL A 169 0.18 15.16 -14.23
N LEU A 170 1.03 15.13 -15.26
CA LEU A 170 1.58 16.37 -15.79
C LEU A 170 0.44 17.21 -16.40
N GLN A 171 0.35 18.46 -15.99
CA GLN A 171 -0.64 19.36 -16.56
C GLN A 171 -0.11 20.02 -17.84
N ARG A 172 1.10 20.55 -17.77
CA ARG A 172 1.72 21.19 -18.94
C ARG A 172 3.21 21.30 -18.71
N TRP A 173 3.99 21.12 -19.77
CA TRP A 173 5.44 21.31 -19.69
C TRP A 173 5.72 22.81 -19.58
N THR A 174 6.84 23.12 -18.92
CA THR A 174 7.38 24.47 -18.82
C THR A 174 8.90 24.37 -19.01
N LYS A 175 9.61 25.51 -18.89
CA LYS A 175 11.09 25.53 -18.90
C LYS A 175 11.68 25.01 -20.22
N GLY A 176 10.98 25.29 -21.31
CA GLY A 176 11.44 24.87 -22.65
C GLY A 176 11.22 23.41 -23.00
N PHE A 177 10.67 22.64 -22.06
CA PHE A 177 10.31 21.24 -22.33
C PHE A 177 9.11 21.14 -23.24
N ASP A 178 9.12 20.14 -24.12
CA ASP A 178 7.99 19.81 -24.97
C ASP A 178 8.18 18.36 -25.37
N ILE A 179 8.01 17.49 -24.38
CA ILE A 179 8.20 16.07 -24.56
C ILE A 179 6.82 15.48 -24.86
N GLU A 180 6.71 14.90 -26.06
CA GLU A 180 5.44 14.34 -26.52
C GLU A 180 4.98 13.13 -25.68
N GLY A 181 3.67 13.04 -25.46
CA GLY A 181 3.05 11.88 -24.82
C GLY A 181 3.07 11.84 -23.31
N VAL A 182 3.33 12.97 -22.66
CA VAL A 182 3.38 13.03 -21.20
C VAL A 182 2.25 13.86 -20.61
N GLU A 183 1.91 15.00 -21.23
CA GLU A 183 0.86 15.87 -20.68
C GLU A 183 -0.45 15.11 -20.59
N GLY A 184 -1.11 15.21 -19.42
CA GLY A 184 -2.35 14.49 -19.18
C GLY A 184 -2.16 13.07 -18.68
N HIS A 185 -0.91 12.63 -18.52
CA HIS A 185 -0.61 11.25 -18.07
C HIS A 185 0.12 11.24 -16.74
N ASP A 186 0.00 10.13 -16.03
CA ASP A 186 0.67 9.94 -14.75
C ASP A 186 2.10 9.50 -15.00
N VAL A 187 3.04 10.34 -14.56
CA VAL A 187 4.44 10.07 -14.83
C VAL A 187 5.02 8.96 -13.95
N VAL A 188 4.40 8.66 -12.81
CA VAL A 188 5.00 7.68 -11.91
C VAL A 188 5.12 6.28 -12.53
N PRO A 189 4.01 5.72 -13.08
CA PRO A 189 4.12 4.42 -13.76
C PRO A 189 5.03 4.45 -14.99
N MET A 190 5.16 5.61 -15.64
CA MET A 190 6.04 5.73 -16.80
C MET A 190 7.49 5.52 -16.39
N LEU A 191 7.87 6.18 -15.29
CA LEU A 191 9.22 5.98 -14.77
C LEU A 191 9.42 4.58 -14.23
N GLN A 192 8.44 4.11 -13.44
CA GLN A 192 8.57 2.77 -12.82
C GLN A 192 8.72 1.67 -13.85
N GLU A 193 8.02 1.79 -14.99
CA GLU A 193 8.13 0.79 -16.04
C GLU A 193 9.56 0.71 -16.58
N GLN A 194 10.22 1.85 -16.73
CA GLN A 194 11.60 1.87 -17.26
C GLN A 194 12.58 1.34 -16.23
N ILE A 195 12.32 1.63 -14.95
CA ILE A 195 13.11 1.05 -13.86
C ILE A 195 13.03 -0.46 -13.86
N GLU A 196 11.82 -0.97 -13.99
CA GLU A 196 11.59 -2.41 -13.98
C GLU A 196 12.16 -3.10 -15.22
N LYS A 197 12.12 -2.42 -16.37
CA LYS A 197 12.74 -2.97 -17.59
C LYS A 197 14.25 -3.24 -17.41
N LEU A 198 14.92 -2.39 -16.62
CA LEU A 198 16.37 -2.52 -16.36
C LEU A 198 16.68 -3.32 -15.07
N ASN A 199 15.63 -3.88 -14.44
CA ASN A 199 15.77 -4.66 -13.20
C ASN A 199 16.49 -3.92 -12.07
N ILE A 200 16.24 -2.61 -11.94
CA ILE A 200 16.82 -1.81 -10.87
C ILE A 200 15.92 -1.95 -9.65
N PRO A 201 16.51 -2.23 -8.48
CA PRO A 201 15.69 -2.45 -7.28
C PRO A 201 15.24 -1.16 -6.62
N ILE A 202 14.31 -0.48 -7.29
CA ILE A 202 13.77 0.79 -6.85
C ILE A 202 12.25 0.76 -6.98
N ASN A 203 11.56 1.33 -6.00
CA ASN A 203 10.14 1.64 -6.18
C ASN A 203 9.89 3.11 -6.03
N VAL A 204 9.29 3.72 -7.05
CA VAL A 204 8.91 5.13 -6.97
C VAL A 204 7.63 5.23 -6.18
N VAL A 205 7.73 5.78 -4.97
CA VAL A 205 6.59 5.77 -4.03
C VAL A 205 6.02 7.17 -3.74
N ALA A 206 6.69 8.24 -4.18
CA ALA A 206 6.18 9.58 -3.88
C ALA A 206 6.63 10.53 -4.96
N LEU A 207 5.78 11.50 -5.25
CA LEU A 207 6.11 12.56 -6.18
C LEU A 207 5.71 13.84 -5.46
N ILE A 208 6.62 14.82 -5.41
CA ILE A 208 6.41 15.97 -4.53
C ILE A 208 6.78 17.29 -5.17
N ASN A 209 6.26 18.37 -4.59
CA ASN A 209 6.75 19.71 -4.80
C ASN A 209 7.94 19.93 -3.87
N ASP A 210 8.97 20.63 -4.35
CA ASP A 210 10.18 20.86 -3.54
C ASP A 210 9.91 21.53 -2.18
N THR A 211 8.92 22.40 -2.09
CA THR A 211 8.69 23.13 -0.84
C THR A 211 8.14 22.17 0.24
N THR A 212 7.31 21.23 -0.19
CA THR A 212 6.85 20.16 0.72
C THR A 212 8.07 19.42 1.25
N GLY A 213 9.02 19.16 0.36
CA GLY A 213 10.28 18.49 0.76
C GLY A 213 11.05 19.35 1.76
N THR A 214 11.09 20.66 1.55
CA THR A 214 11.81 21.55 2.48
C THR A 214 11.22 21.45 3.87
N LEU A 215 9.89 21.43 3.95
CA LEU A 215 9.18 21.28 5.22
C LEU A 215 9.55 19.94 5.89
N VAL A 216 9.41 18.85 5.15
CA VAL A 216 9.56 17.54 5.79
C VAL A 216 11.01 17.22 6.16
N ALA A 217 11.96 17.49 5.26
CA ALA A 217 13.37 17.26 5.58
C ALA A 217 13.78 18.09 6.79
N SER A 218 13.32 19.34 6.86
CA SER A 218 13.73 20.20 7.95
C SER A 218 13.09 19.75 9.26
N LEU A 219 11.86 19.25 9.21
CA LEU A 219 11.20 18.71 10.41
C LEU A 219 11.90 17.45 10.93
N TYR A 220 12.44 16.62 10.03
CA TYR A 220 13.17 15.44 10.45
C TYR A 220 14.42 15.81 11.24
N THR A 221 15.16 16.84 10.78
CA THR A 221 16.41 17.23 11.47
C THR A 221 16.15 18.20 12.64
N ASP A 222 15.11 19.01 12.51
CA ASP A 222 14.76 20.04 13.51
C ASP A 222 13.29 19.90 13.87
N PRO A 223 12.98 19.21 14.98
CA PRO A 223 11.59 18.92 15.28
C PRO A 223 10.75 20.15 15.65
N GLN A 224 11.37 21.32 15.73
CA GLN A 224 10.60 22.57 15.94
C GLN A 224 10.15 23.26 14.65
N THR A 225 10.43 22.64 13.51
CA THR A 225 10.05 23.21 12.21
C THR A 225 8.54 23.22 12.09
N LYS A 226 7.97 24.38 11.75
CA LYS A 226 6.53 24.51 11.54
C LYS A 226 6.16 24.87 10.12
N MET A 227 7.16 25.22 9.29
CA MET A 227 6.91 25.69 7.94
C MET A 227 8.19 25.51 7.16
N GLY A 228 8.04 25.22 5.86
CA GLY A 228 9.14 25.28 4.91
C GLY A 228 8.83 26.46 3.99
N ILE A 229 9.83 27.31 3.73
CA ILE A 229 9.58 28.53 2.91
C ILE A 229 10.72 28.70 1.92
N ILE A 230 10.35 29.02 0.68
CA ILE A 230 11.32 29.32 -0.38
C ILE A 230 11.19 30.81 -0.71
N ILE A 231 12.33 31.49 -0.60
CA ILE A 231 12.42 32.92 -0.86
C ILE A 231 13.59 33.06 -1.89
N GLY A 232 13.24 33.05 -3.17
CA GLY A 232 14.22 33.10 -4.26
C GLY A 232 13.62 33.78 -5.48
N THR A 233 13.97 33.31 -6.67
CA THR A 233 13.30 33.73 -7.90
C THR A 233 11.78 33.45 -7.79
N GLY A 234 11.43 32.25 -7.34
CA GLY A 234 10.04 31.98 -7.01
C GLY A 234 9.85 31.98 -5.49
N VAL A 235 8.59 31.98 -5.08
CA VAL A 235 8.25 31.97 -3.66
C VAL A 235 7.21 30.89 -3.42
N ASN A 236 7.30 30.24 -2.27
CA ASN A 236 6.29 29.24 -1.90
C ASN A 236 6.46 28.94 -0.41
N GLY A 237 5.44 28.32 0.20
CA GLY A 237 5.50 27.91 1.58
C GLY A 237 4.68 26.65 1.75
N ALA A 238 5.10 25.81 2.70
CA ALA A 238 4.40 24.54 2.97
C ALA A 238 4.35 24.37 4.48
N TYR A 239 3.27 23.78 5.00
CA TYR A 239 3.15 23.60 6.45
C TYR A 239 2.19 22.41 6.65
N TYR A 240 2.03 21.95 7.89
CA TYR A 240 1.01 20.92 8.13
C TYR A 240 -0.27 21.53 8.68
N ASP A 241 -1.36 21.27 7.98
CA ASP A 241 -2.70 21.53 8.52
C ASP A 241 -3.26 20.22 9.07
N VAL A 242 -4.56 20.22 9.35
CA VAL A 242 -5.26 19.03 9.87
C VAL A 242 -6.47 18.77 8.97
N VAL A 243 -6.79 17.50 8.77
CA VAL A 243 -7.79 17.10 7.80
C VAL A 243 -9.17 17.75 8.07
N SER A 244 -9.55 17.84 9.34
CA SER A 244 -10.81 18.47 9.71
C SER A 244 -10.88 19.95 9.30
N GLY A 245 -9.72 20.58 9.05
CA GLY A 245 -9.71 21.95 8.55
C GLY A 245 -9.66 22.11 7.05
N ILE A 246 -9.88 21.00 6.32
CA ILE A 246 -9.83 21.02 4.85
C ILE A 246 -11.18 20.63 4.25
N GLU A 247 -12.06 21.63 4.12
CA GLU A 247 -13.42 21.38 3.65
C GLU A 247 -13.43 20.68 2.29
N LYS A 248 -12.50 21.04 1.41
CA LYS A 248 -12.51 20.51 0.04
C LYS A 248 -12.20 19.00 -0.07
N LEU A 249 -11.70 18.40 1.01
CA LEU A 249 -11.51 16.95 1.07
C LEU A 249 -12.66 16.20 1.74
N GLU A 250 -13.65 16.92 2.25
CA GLU A 250 -14.82 16.27 2.86
C GLU A 250 -15.51 15.37 1.85
N GLY A 251 -15.74 14.13 2.26
CA GLY A 251 -16.41 13.14 1.42
C GLY A 251 -15.49 12.43 0.45
N LEU A 252 -14.21 12.82 0.44
CA LEU A 252 -13.23 12.22 -0.48
C LEU A 252 -12.22 11.31 0.17
N LEU A 253 -12.12 11.31 1.50
CA LEU A 253 -11.06 10.59 2.19
C LEU A 253 -11.46 9.21 2.65
N PRO A 254 -10.49 8.26 2.64
CA PRO A 254 -10.69 6.93 3.17
C PRO A 254 -10.71 6.97 4.70
N GLU A 255 -11.22 5.90 5.31
CA GLU A 255 -11.38 5.89 6.77
C GLU A 255 -10.07 5.99 7.54
N ASP A 256 -8.98 5.54 6.91
CA ASP A 256 -7.66 5.60 7.55
C ASP A 256 -6.93 6.93 7.37
N ILE A 257 -7.58 7.93 6.77
CA ILE A 257 -7.10 9.30 6.89
C ILE A 257 -8.20 10.11 7.60
N GLY A 258 -8.12 10.12 8.92
CA GLY A 258 -9.20 10.60 9.77
C GLY A 258 -9.18 12.10 9.99
N PRO A 259 -10.21 12.62 10.66
CA PRO A 259 -10.33 14.07 10.82
C PRO A 259 -9.18 14.72 11.61
N ASP A 260 -8.54 13.96 12.50
CA ASP A 260 -7.44 14.51 13.28
C ASP A 260 -6.09 14.29 12.62
N SER A 261 -6.10 13.72 11.42
CA SER A 261 -4.84 13.50 10.69
C SER A 261 -4.12 14.78 10.29
N PRO A 262 -2.80 14.84 10.51
CA PRO A 262 -2.06 15.94 9.85
C PRO A 262 -2.18 15.83 8.34
N MET A 263 -1.98 16.93 7.66
CA MET A 263 -1.92 16.92 6.19
C MET A 263 -0.97 18.05 5.78
N ALA A 264 0.13 17.68 5.15
CA ALA A 264 1.03 18.72 4.60
C ALA A 264 0.29 19.46 3.47
N ILE A 265 0.44 20.77 3.46
CA ILE A 265 -0.14 21.64 2.43
C ILE A 265 0.99 22.35 1.70
N ASN A 266 0.96 22.28 0.37
CA ASN A 266 1.83 23.07 -0.51
C ASN A 266 1.00 24.29 -0.91
N CYS A 267 1.28 25.45 -0.32
CA CYS A 267 0.31 26.56 -0.50
C CYS A 267 0.24 27.10 -1.91
N GLU A 268 1.41 27.16 -2.58
CA GLU A 268 1.53 27.92 -3.84
C GLU A 268 0.98 29.34 -3.76
N TYR A 269 1.41 30.03 -2.71
CA TYR A 269 0.80 31.28 -2.34
C TYR A 269 1.34 32.49 -3.13
N GLY A 270 2.11 32.25 -4.18
CA GLY A 270 2.52 33.38 -5.05
C GLY A 270 1.33 34.12 -5.67
N SER A 271 0.16 33.47 -5.73
CA SER A 271 -1.08 34.07 -6.25
C SER A 271 -1.92 34.80 -5.19
N PHE A 272 -1.43 34.84 -3.95
CA PHE A 272 -2.14 35.63 -2.92
C PHE A 272 -2.36 37.07 -3.36
N ASP A 273 -3.59 37.52 -3.19
CA ASP A 273 -4.00 38.91 -3.48
C ASP A 273 -3.90 39.32 -4.94
N ASN A 274 -4.13 38.37 -5.85
CA ASN A 274 -4.37 38.76 -7.24
C ASN A 274 -5.53 39.75 -7.35
N GLU A 275 -6.45 39.79 -6.36
CA GLU A 275 -7.59 40.74 -6.36
C GLU A 275 -7.13 42.16 -6.08
N HIS A 276 -5.89 42.29 -5.58
CA HIS A 276 -5.30 43.61 -5.27
C HIS A 276 -6.08 44.40 -4.21
N LEU A 277 -6.30 43.73 -3.09
CA LEU A 277 -7.04 44.27 -1.96
C LEU A 277 -6.18 44.71 -0.78
N VAL A 278 -4.95 44.20 -0.68
CA VAL A 278 -4.16 44.49 0.51
C VAL A 278 -2.69 44.76 0.27
N LEU A 279 -2.05 44.12 -0.72
CA LEU A 279 -0.63 44.39 -0.90
C LEU A 279 -0.41 45.84 -1.30
N PRO A 280 0.65 46.46 -0.78
CA PRO A 280 0.87 47.91 -1.00
C PRO A 280 1.55 48.20 -2.34
N ARG A 281 0.85 47.88 -3.43
CA ARG A 281 1.46 48.09 -4.77
C ARG A 281 1.59 49.59 -5.09
N THR A 282 2.77 49.92 -5.61
CA THR A 282 3.01 51.26 -6.12
C THR A 282 2.76 51.33 -7.61
N LYS A 283 2.86 52.51 -8.19
CA LYS A 283 2.68 52.60 -9.64
C LYS A 283 3.76 51.75 -10.36
N TYR A 284 4.91 51.55 -9.73
CA TYR A 284 6.01 50.80 -10.35
C TYR A 284 5.67 49.31 -10.36
N ASP A 285 5.07 48.82 -9.26
CA ASP A 285 4.58 47.44 -9.22
C ASP A 285 3.48 47.19 -10.22
N VAL A 286 2.61 48.18 -10.45
CA VAL A 286 1.59 48.06 -11.46
C VAL A 286 2.20 47.94 -12.88
N ILE A 287 3.22 48.76 -13.16
CA ILE A 287 3.94 48.66 -14.44
C ILE A 287 4.55 47.27 -14.62
N ILE A 288 5.24 46.79 -13.60
CA ILE A 288 5.83 45.44 -13.63
C ILE A 288 4.76 44.41 -13.99
N ASP A 289 3.60 44.48 -13.35
CA ASP A 289 2.55 43.51 -13.58
C ASP A 289 1.99 43.64 -15.00
N GLU A 290 1.70 44.88 -15.41
CA GLU A 290 1.19 45.13 -16.76
C GLU A 290 2.11 44.64 -17.87
N GLU A 291 3.43 44.71 -17.63
CA GLU A 291 4.45 44.37 -18.65
C GLU A 291 4.90 42.90 -18.53
N SER A 292 4.35 42.18 -17.53
CA SER A 292 4.77 40.80 -17.26
C SER A 292 4.08 39.81 -18.22
N PRO A 293 4.58 38.56 -18.26
CA PRO A 293 3.90 37.60 -19.14
C PRO A 293 2.45 37.31 -18.75
N ARG A 294 2.12 37.40 -17.47
CA ARG A 294 0.75 37.15 -17.03
C ARG A 294 0.25 38.28 -16.14
N PRO A 295 -0.17 39.40 -16.75
CA PRO A 295 -0.71 40.49 -15.94
C PRO A 295 -1.89 40.03 -15.08
N GLY A 296 -1.87 40.42 -13.81
CA GLY A 296 -2.97 40.10 -12.92
C GLY A 296 -2.79 38.80 -12.19
N GLN A 297 -1.71 38.09 -12.52
CA GLN A 297 -1.37 36.86 -11.83
C GLN A 297 -0.14 37.02 -10.95
N GLN A 298 0.07 36.06 -10.04
CA GLN A 298 1.25 36.02 -9.19
C GLN A 298 1.50 37.32 -8.43
N ALA A 299 0.44 37.93 -7.89
CA ALA A 299 0.61 39.21 -7.20
C ALA A 299 1.61 39.19 -6.04
N PHE A 300 1.49 38.20 -5.15
CA PHE A 300 2.37 38.12 -4.01
C PHE A 300 3.80 37.78 -4.45
N GLU A 301 3.96 36.90 -5.44
CA GLU A 301 5.30 36.60 -5.97
C GLU A 301 5.94 37.87 -6.55
N LYS A 302 5.19 38.67 -7.29
CA LYS A 302 5.75 39.89 -7.87
C LYS A 302 6.17 40.90 -6.79
N MET A 303 5.50 40.86 -5.64
CA MET A 303 5.83 41.77 -4.52
C MET A 303 6.87 41.23 -3.55
N THR A 304 7.27 39.97 -3.68
CA THR A 304 8.25 39.37 -2.75
C THR A 304 9.46 38.69 -3.38
N SER A 305 9.37 38.28 -4.65
CA SER A 305 10.46 37.56 -5.27
C SER A 305 11.66 38.44 -5.52
N GLY A 306 12.83 37.84 -5.39
CA GLY A 306 14.06 38.56 -5.71
C GLY A 306 14.15 39.01 -7.16
N TYR A 307 13.42 38.33 -8.03
CA TYR A 307 13.52 38.53 -9.47
C TYR A 307 13.18 39.95 -9.89
N TYR A 308 12.34 40.60 -9.11
CA TYR A 308 11.83 41.90 -9.51
C TYR A 308 12.47 43.09 -8.83
N LEU A 309 13.35 42.83 -7.86
CA LEU A 309 13.89 43.92 -7.02
C LEU A 309 14.66 44.96 -7.82
N GLY A 310 15.49 44.49 -8.74
CA GLY A 310 16.22 45.41 -9.62
C GLY A 310 15.32 46.17 -10.59
N GLU A 311 14.30 45.49 -11.10
CA GLU A 311 13.30 46.11 -11.98
C GLU A 311 12.52 47.24 -11.29
N ILE A 312 12.14 47.03 -10.02
CA ILE A 312 11.50 48.10 -9.27
C ILE A 312 12.43 49.30 -9.23
N MET A 313 13.71 49.06 -8.93
CA MET A 313 14.69 50.17 -8.87
C MET A 313 14.83 50.86 -10.23
N ARG A 314 14.88 50.05 -11.30
CA ARG A 314 15.05 50.59 -12.64
C ARG A 314 13.93 51.56 -12.99
N LEU A 315 12.69 51.17 -12.66
CA LEU A 315 11.56 52.00 -12.98
C LEU A 315 11.51 53.28 -12.17
N VAL A 316 11.91 53.18 -10.89
CA VAL A 316 11.94 54.37 -10.04
C VAL A 316 12.99 55.36 -10.58
N LEU A 317 14.16 54.83 -10.91
CA LEU A 317 15.22 55.67 -11.44
C LEU A 317 14.82 56.34 -12.76
N LEU A 318 14.13 55.58 -13.63
CA LEU A 318 13.63 56.24 -14.89
C LEU A 318 12.64 57.35 -14.61
N ASP A 319 11.78 57.15 -13.60
CA ASP A 319 10.82 58.19 -13.24
C ASP A 319 11.55 59.45 -12.72
N LEU A 320 12.56 59.25 -11.86
CA LEU A 320 13.35 60.36 -11.34
C LEU A 320 14.11 61.10 -12.45
N TYR A 321 14.59 60.35 -13.42
CA TYR A 321 15.25 60.94 -14.59
C TYR A 321 14.26 61.78 -15.40
N ASP A 322 13.08 61.21 -15.64
CA ASP A 322 12.04 61.90 -16.43
C ASP A 322 11.52 63.17 -15.74
N SER A 323 11.57 63.18 -14.41
CA SER A 323 11.13 64.34 -13.65
C SER A 323 12.26 65.34 -13.48
N GLY A 324 13.44 65.05 -14.04
CA GLY A 324 14.53 66.02 -14.10
C GLY A 324 15.48 66.03 -12.91
N PHE A 325 15.42 65.00 -12.06
CA PHE A 325 16.18 65.05 -10.80
C PHE A 325 17.56 64.43 -10.83
N ILE A 326 17.78 63.44 -11.69
CA ILE A 326 19.04 62.67 -11.65
C ILE A 326 19.60 62.38 -13.04
N PHE A 327 20.88 62.00 -13.07
CA PHE A 327 21.58 61.54 -14.29
C PHE A 327 21.43 62.56 -15.42
N LYS A 328 21.51 63.82 -15.07
CA LYS A 328 21.01 64.87 -15.96
C LYS A 328 21.81 64.96 -17.26
N ASP A 329 23.10 64.68 -17.16
CA ASP A 329 24.01 64.77 -18.33
C ASP A 329 24.50 63.41 -18.82
N GLN A 330 23.74 62.37 -18.47
CA GLN A 330 24.11 61.00 -18.82
C GLN A 330 23.30 60.45 -19.96
N ASP A 331 23.92 59.54 -20.71
CA ASP A 331 23.19 58.73 -21.67
C ASP A 331 22.62 57.55 -20.89
N ILE A 332 21.32 57.58 -20.64
CA ILE A 332 20.70 56.49 -19.87
C ILE A 332 20.10 55.36 -20.75
N SER A 333 20.55 55.26 -22.01
CA SER A 333 20.01 54.25 -22.93
C SER A 333 19.93 52.86 -22.35
N LYS A 334 21.00 52.43 -21.66
CA LYS A 334 21.04 51.06 -21.18
C LYS A 334 20.02 50.78 -20.07
N LEU A 335 19.59 51.84 -19.39
CA LEU A 335 18.63 51.74 -18.30
C LEU A 335 17.21 51.49 -18.83
N LYS A 336 17.02 51.73 -20.12
CA LYS A 336 15.69 51.59 -20.71
C LYS A 336 15.32 50.15 -21.06
N GLU A 337 16.24 49.22 -20.81
CA GLU A 337 16.01 47.82 -21.15
C GLU A 337 15.38 47.11 -19.96
N ALA A 338 14.17 46.58 -20.13
CA ALA A 338 13.52 45.87 -19.03
C ALA A 338 14.37 44.70 -18.54
N TYR A 339 14.44 44.59 -17.21
CA TYR A 339 15.15 43.51 -16.54
C TYR A 339 16.68 43.56 -16.67
N VAL A 340 17.21 44.67 -17.16
CA VAL A 340 18.68 44.85 -17.24
C VAL A 340 19.31 44.84 -15.82
N MET A 341 18.57 45.34 -14.82
CA MET A 341 19.04 45.28 -13.43
C MET A 341 18.42 44.07 -12.77
N ASP A 342 19.22 43.04 -12.55
CA ASP A 342 18.77 41.89 -11.82
C ASP A 342 19.00 42.09 -10.30
N THR A 343 18.80 41.03 -9.52
CA THR A 343 18.90 41.10 -8.07
C THR A 343 20.30 41.48 -7.57
N SER A 344 21.31 41.24 -8.41
CA SER A 344 22.67 41.59 -8.02
C SER A 344 22.87 43.09 -7.84
N TYR A 345 22.01 43.90 -8.46
CA TYR A 345 22.13 45.35 -8.27
C TYR A 345 21.79 45.77 -6.84
N PRO A 346 20.56 45.55 -6.36
CA PRO A 346 20.32 45.94 -4.96
C PRO A 346 21.23 45.19 -3.98
N SER A 347 21.60 43.96 -4.30
CA SER A 347 22.53 43.23 -3.45
C SER A 347 23.88 43.90 -3.33
N LYS A 348 24.54 44.20 -4.46
CA LYS A 348 25.83 44.83 -4.42
C LYS A 348 25.74 46.24 -3.80
N ILE A 349 24.63 46.94 -4.06
CA ILE A 349 24.46 48.28 -3.54
C ILE A 349 24.36 48.24 -2.02
N GLU A 350 23.56 47.31 -1.49
CA GLU A 350 23.42 47.21 -0.02
C GLU A 350 24.70 46.74 0.68
N ASP A 351 25.57 46.02 -0.03
CA ASP A 351 26.84 45.54 0.54
C ASP A 351 27.98 46.57 0.45
N ASP A 352 27.74 47.68 -0.28
CA ASP A 352 28.76 48.69 -0.55
C ASP A 352 29.24 49.29 0.80
N PRO A 353 30.54 49.17 1.13
CA PRO A 353 30.90 49.45 2.54
C PRO A 353 31.09 50.91 2.96
N PHE A 354 31.44 51.81 2.04
CA PHE A 354 31.83 53.17 2.46
C PHE A 354 30.80 54.19 2.02
N GLU A 355 30.89 55.35 2.66
CA GLU A 355 29.87 56.40 2.48
C GLU A 355 29.77 56.90 1.05
N ASN A 356 30.90 56.93 0.36
CA ASN A 356 30.95 57.38 -1.04
C ASN A 356 30.49 56.34 -2.04
N LEU A 357 30.15 55.14 -1.55
CA LEU A 357 29.44 54.13 -2.37
C LEU A 357 30.21 53.79 -3.66
N GLU A 358 31.47 53.40 -3.48
CA GLU A 358 32.35 53.12 -4.63
C GLU A 358 31.89 51.90 -5.45
N ASP A 359 31.36 50.86 -4.79
CA ASP A 359 30.93 49.67 -5.53
C ASP A 359 29.73 50.00 -6.43
N THR A 360 28.84 50.84 -5.93
CA THR A 360 27.68 51.32 -6.68
C THR A 360 28.14 52.15 -7.85
N ASP A 361 29.17 52.98 -7.65
CA ASP A 361 29.70 53.82 -8.72
C ASP A 361 30.22 52.90 -9.84
N ASP A 362 30.99 51.89 -9.48
CA ASP A 362 31.56 50.98 -10.47
C ASP A 362 30.45 50.22 -11.19
N LEU A 363 29.46 49.78 -10.43
CA LEU A 363 28.35 49.02 -10.99
C LEU A 363 27.61 49.80 -12.09
N PHE A 364 27.27 51.06 -11.78
CA PHE A 364 26.57 51.91 -12.76
C PHE A 364 27.43 52.28 -13.96
N LYS A 365 28.70 52.63 -13.72
CA LYS A 365 29.60 53.02 -14.82
C LYS A 365 29.86 51.83 -15.74
N THR A 366 30.21 50.69 -15.16
CA THR A 366 30.64 49.53 -15.92
C THR A 366 29.50 48.90 -16.72
N ASN A 367 28.36 48.68 -16.08
CA ASN A 367 27.29 47.88 -16.66
C ASN A 367 26.22 48.71 -17.38
N LEU A 368 26.08 49.97 -17.01
CA LEU A 368 25.03 50.83 -17.58
C LEU A 368 25.56 52.08 -18.28
N ASN A 369 26.88 52.29 -18.21
CA ASN A 369 27.50 53.48 -18.76
C ASN A 369 26.93 54.79 -18.17
N ILE A 370 26.61 54.76 -16.87
CA ILE A 370 26.07 55.92 -16.18
C ILE A 370 27.00 56.37 -15.06
N GLU A 371 27.53 57.58 -15.17
CA GLU A 371 28.31 58.24 -14.13
C GLU A 371 27.37 58.93 -13.15
N THR A 372 27.70 58.85 -11.86
CA THR A 372 26.78 59.30 -10.83
C THR A 372 27.53 60.21 -9.86
N THR A 373 26.79 61.07 -9.17
CA THR A 373 27.35 61.83 -8.06
C THR A 373 27.15 61.06 -6.75
N VAL A 374 27.85 61.48 -5.70
CA VAL A 374 27.74 60.80 -4.40
C VAL A 374 26.30 60.94 -3.89
N VAL A 375 25.71 62.12 -4.04
CA VAL A 375 24.33 62.27 -3.58
C VAL A 375 23.35 61.37 -4.35
N GLU A 376 23.58 61.19 -5.65
CA GLU A 376 22.76 60.27 -6.42
C GLU A 376 22.94 58.84 -5.91
N ARG A 377 24.19 58.46 -5.63
CA ARG A 377 24.44 57.12 -5.09
C ARG A 377 23.78 56.95 -3.71
N LYS A 378 23.78 58.00 -2.89
CA LYS A 378 23.04 57.91 -1.61
C LYS A 378 21.56 57.62 -1.82
N LEU A 379 20.94 58.28 -2.81
CA LEU A 379 19.54 57.96 -3.15
C LEU A 379 19.39 56.49 -3.62
N ILE A 380 20.30 56.03 -4.47
CA ILE A 380 20.24 54.67 -5.01
C ILE A 380 20.36 53.64 -3.88
N ARG A 381 21.26 53.92 -2.91
CA ARG A 381 21.46 53.04 -1.77
C ARG A 381 20.23 53.01 -0.89
N LYS A 382 19.64 54.16 -0.63
CA LYS A 382 18.40 54.18 0.14
C LYS A 382 17.29 53.43 -0.58
N LEU A 383 17.24 53.57 -1.91
CA LEU A 383 16.22 52.88 -2.71
C LEU A 383 16.42 51.36 -2.61
N ALA A 384 17.67 50.89 -2.72
CA ALA A 384 17.96 49.44 -2.59
C ALA A 384 17.56 48.92 -1.23
N GLU A 385 17.92 49.67 -0.18
CA GLU A 385 17.54 49.26 1.19
C GLU A 385 16.02 49.20 1.33
N LEU A 386 15.33 50.18 0.78
CA LEU A 386 13.87 50.21 0.90
C LEU A 386 13.22 49.02 0.19
N VAL A 387 13.72 48.70 -1.01
CA VAL A 387 13.17 47.60 -1.79
C VAL A 387 13.47 46.25 -1.14
N GLY A 388 14.68 46.05 -0.64
CA GLY A 388 15.03 44.78 0.03
C GLY A 388 14.21 44.61 1.31
N THR A 389 14.06 45.71 2.05
CA THR A 389 13.34 45.66 3.32
C THR A 389 11.86 45.41 3.06
N ARG A 390 11.25 46.05 2.06
CA ARG A 390 9.83 45.81 1.80
C ARG A 390 9.59 44.34 1.44
N ALA A 391 10.45 43.77 0.61
CA ALA A 391 10.29 42.38 0.21
C ALA A 391 10.34 41.46 1.44
N ALA A 392 11.30 41.68 2.35
CA ALA A 392 11.37 40.86 3.56
C ALA A 392 10.13 41.02 4.41
N ARG A 393 9.63 42.25 4.54
CA ARG A 393 8.49 42.49 5.43
C ARG A 393 7.23 41.86 4.84
N LEU A 394 7.09 41.87 3.51
CA LEU A 394 5.90 41.24 2.93
C LEU A 394 6.02 39.72 3.01
N THR A 395 7.22 39.19 2.79
CA THR A 395 7.41 37.72 2.88
C THR A 395 7.00 37.22 4.27
N VAL A 396 7.42 37.92 5.32
CA VAL A 396 7.10 37.41 6.66
C VAL A 396 5.61 37.50 6.98
N CYS A 397 4.82 38.23 6.17
CA CYS A 397 3.38 38.21 6.39
C CYS A 397 2.83 36.80 6.11
N GLY A 398 3.42 36.09 5.14
CA GLY A 398 3.00 34.70 4.85
C GLY A 398 3.34 33.80 6.02
N VAL A 399 4.51 34.01 6.61
CA VAL A 399 4.97 33.21 7.76
C VAL A 399 4.00 33.46 8.94
N SER A 400 3.73 34.74 9.23
CA SER A 400 2.87 35.07 10.34
C SER A 400 1.44 34.53 10.13
N ALA A 401 0.96 34.57 8.88
CA ALA A 401 -0.39 34.07 8.63
C ALA A 401 -0.50 32.58 8.91
N ILE A 402 0.49 31.81 8.50
CA ILE A 402 0.48 30.34 8.76
C ILE A 402 0.54 30.10 10.26
N CYS A 403 1.45 30.81 10.92
CA CYS A 403 1.59 30.61 12.36
C CYS A 403 0.33 30.98 13.11
N ASP A 404 -0.26 32.13 12.79
CA ASP A 404 -1.48 32.54 13.45
C ASP A 404 -2.65 31.64 13.12
N LYS A 405 -2.73 31.19 11.86
CA LYS A 405 -3.82 30.28 11.48
C LYS A 405 -3.82 29.02 12.36
N ARG A 406 -2.62 28.48 12.57
CA ARG A 406 -2.45 27.18 13.26
C ARG A 406 -2.20 27.30 14.75
N GLY A 407 -2.06 28.53 15.25
CA GLY A 407 -1.82 28.76 16.68
C GLY A 407 -0.39 28.45 17.13
N TYR A 408 0.58 28.62 16.23
CA TYR A 408 1.98 28.42 16.59
C TYR A 408 2.50 29.71 17.22
N LYS A 409 2.69 29.69 18.53
CA LYS A 409 3.20 30.86 19.25
C LYS A 409 4.72 30.90 19.14
N THR A 410 5.32 29.73 18.96
CA THR A 410 6.75 29.65 18.69
C THR A 410 6.93 28.74 17.50
N ALA A 411 8.01 28.94 16.76
CA ALA A 411 8.24 28.14 15.55
C ALA A 411 9.62 28.34 14.99
N HIS A 412 10.19 27.28 14.41
CA HIS A 412 11.29 27.45 13.44
C HIS A 412 10.73 27.38 12.03
N ILE A 413 11.13 28.33 11.20
CA ILE A 413 10.63 28.46 9.85
C ILE A 413 11.82 28.13 8.97
N ALA A 414 11.78 26.95 8.35
CA ALA A 414 12.89 26.44 7.60
C ALA A 414 12.95 27.06 6.22
N ALA A 415 13.95 27.91 5.99
CA ALA A 415 13.98 28.78 4.81
C ALA A 415 15.11 28.43 3.89
N ASP A 416 14.83 28.59 2.59
CA ASP A 416 15.82 28.34 1.54
C ASP A 416 15.50 29.31 0.42
N GLY A 417 16.32 29.27 -0.61
CA GLY A 417 16.17 30.17 -1.78
C GLY A 417 17.27 31.20 -1.79
N SER A 418 17.55 31.72 -3.00
CA SER A 418 18.67 32.65 -3.21
C SER A 418 18.55 33.97 -2.44
N VAL A 419 17.34 34.44 -2.18
CA VAL A 419 17.16 35.71 -1.45
C VAL A 419 17.48 35.47 0.04
N PHE A 420 16.85 34.45 0.64
CA PHE A 420 17.18 34.16 2.02
C PHE A 420 18.67 33.87 2.20
N ASN A 421 19.25 33.11 1.26
CA ASN A 421 20.62 32.71 1.45
C ASN A 421 21.67 33.77 1.16
N ARG A 422 21.39 34.67 0.21
CA ARG A 422 22.44 35.56 -0.31
C ARG A 422 22.13 37.04 -0.28
N TYR A 423 20.86 37.41 -0.14
CA TYR A 423 20.52 38.83 -0.20
C TYR A 423 21.02 39.52 1.09
N PRO A 424 21.78 40.62 0.97
CA PRO A 424 22.43 41.24 2.15
C PRO A 424 21.46 41.63 3.26
N GLY A 425 21.76 41.15 4.46
CA GLY A 425 20.96 41.50 5.64
C GLY A 425 19.56 40.94 5.63
N TYR A 426 19.25 39.99 4.73
CA TYR A 426 17.87 39.54 4.66
C TYR A 426 17.43 38.92 5.98
N LYS A 427 18.30 38.14 6.60
CA LYS A 427 17.91 37.46 7.87
C LYS A 427 17.58 38.49 8.94
N GLU A 428 18.36 39.56 9.01
CA GLU A 428 18.08 40.64 9.97
C GLU A 428 16.79 41.40 9.61
N LYS A 429 16.57 41.71 8.35
CA LYS A 429 15.34 42.35 7.89
C LYS A 429 14.11 41.49 8.24
N ALA A 430 14.20 40.17 8.01
CA ALA A 430 13.05 39.31 8.28
C ALA A 430 12.80 39.17 9.78
N ALA A 431 13.86 39.03 10.58
CA ALA A 431 13.70 38.91 12.02
C ALA A 431 13.09 40.18 12.60
N GLN A 432 13.55 41.36 12.12
CA GLN A 432 12.99 42.62 12.62
C GLN A 432 11.51 42.74 12.22
N ALA A 433 11.18 42.26 11.01
CA ALA A 433 9.79 42.29 10.54
C ALA A 433 8.88 41.46 11.45
N LEU A 434 9.34 40.25 11.80
CA LEU A 434 8.52 39.44 12.71
C LEU A 434 8.40 40.09 14.09
N LYS A 435 9.49 40.62 14.61
CA LYS A 435 9.43 41.33 15.89
C LYS A 435 8.47 42.50 15.84
N ASP A 436 8.43 43.20 14.71
CA ASP A 436 7.51 44.32 14.55
C ASP A 436 6.04 43.86 14.50
N ILE A 437 5.78 42.79 13.78
CA ILE A 437 4.42 42.25 13.71
C ILE A 437 3.89 41.89 15.08
N TYR A 438 4.70 41.17 15.84
CA TYR A 438 4.26 40.62 17.14
C TYR A 438 4.53 41.50 18.36
N ASN A 439 5.29 42.57 18.16
CA ASN A 439 5.66 43.49 19.23
C ASN A 439 6.29 42.75 20.41
N TRP A 440 7.18 41.81 20.09
CA TRP A 440 7.85 41.04 21.12
C TRP A 440 8.80 41.91 21.95
N ASP A 441 8.82 41.63 23.25
CA ASP A 441 9.78 42.23 24.15
C ASP A 441 10.94 41.25 24.27
N VAL A 442 11.86 41.32 23.32
CA VAL A 442 12.94 40.35 23.21
C VAL A 442 14.16 41.06 22.66
N GLU A 443 15.32 40.81 23.26
CA GLU A 443 16.55 41.49 22.87
C GLU A 443 17.22 40.83 21.66
N LYS A 444 17.51 39.55 21.77
CA LYS A 444 18.33 38.86 20.78
C LYS A 444 17.52 38.15 19.72
N MET A 445 17.96 38.29 18.47
CA MET A 445 17.38 37.64 17.31
C MET A 445 17.24 36.13 17.52
N GLU A 446 18.26 35.51 18.11
CA GLU A 446 18.26 34.07 18.37
C GLU A 446 17.15 33.62 19.33
N ASP A 447 16.61 34.57 20.11
CA ASP A 447 15.55 34.29 21.09
C ASP A 447 14.14 34.65 20.59
N HIS A 448 14.02 35.07 19.35
CA HIS A 448 12.69 35.36 18.81
C HIS A 448 11.81 34.12 18.83
N PRO A 449 10.56 34.27 19.34
CA PRO A 449 9.67 33.11 19.40
C PRO A 449 9.49 32.42 18.04
N ILE A 450 9.35 33.20 16.97
CA ILE A 450 9.18 32.66 15.62
C ILE A 450 10.38 33.17 14.84
N GLN A 451 11.15 32.24 14.29
CA GLN A 451 12.39 32.62 13.66
C GLN A 451 12.69 31.76 12.45
N LEU A 452 13.29 32.41 11.46
CA LEU A 452 13.77 31.71 10.28
C LEU A 452 15.12 31.06 10.56
N VAL A 453 15.26 29.80 10.12
CA VAL A 453 16.51 29.05 10.23
C VAL A 453 16.78 28.40 8.88
N ALA A 454 18.04 28.10 8.60
CA ALA A 454 18.36 27.51 7.30
C ALA A 454 17.71 26.11 7.18
N ALA A 455 17.04 25.90 6.04
CA ALA A 455 16.37 24.62 5.77
C ALA A 455 17.33 23.53 5.38
N GLU A 456 16.87 22.30 5.53
CA GLU A 456 17.51 21.19 4.82
C GLU A 456 17.06 21.16 3.36
N ASP A 457 17.80 20.40 2.55
CA ASP A 457 17.57 20.26 1.11
C ASP A 457 16.23 19.62 0.79
N GLY A 458 15.28 20.39 0.28
CA GLY A 458 13.94 19.86 0.07
C GLY A 458 13.77 18.94 -1.13
N SER A 459 14.37 19.30 -2.27
CA SER A 459 14.16 18.49 -3.48
C SER A 459 14.92 17.17 -3.49
N GLY A 460 15.97 17.07 -2.67
CA GLY A 460 16.73 15.82 -2.55
C GLY A 460 16.39 15.13 -1.24
N VAL A 461 17.01 15.58 -0.16
CA VAL A 461 16.80 14.96 1.15
C VAL A 461 15.30 14.87 1.46
N GLY A 462 14.54 15.93 1.24
CA GLY A 462 13.12 15.95 1.59
C GLY A 462 12.31 14.93 0.78
N ALA A 463 12.57 14.79 -0.52
CA ALA A 463 11.88 13.74 -1.29
C ALA A 463 12.21 12.34 -0.78
N ALA A 464 13.45 12.12 -0.36
CA ALA A 464 13.85 10.81 0.16
C ALA A 464 13.14 10.54 1.49
N ILE A 465 13.08 11.54 2.35
CA ILE A 465 12.41 11.37 3.65
C ILE A 465 10.90 11.18 3.45
N ILE A 466 10.29 11.91 2.52
CA ILE A 466 8.88 11.68 2.22
C ILE A 466 8.67 10.26 1.66
N ALA A 467 9.64 9.75 0.87
CA ALA A 467 9.55 8.36 0.39
C ALA A 467 9.51 7.39 1.58
N CYS A 468 10.35 7.65 2.57
CA CYS A 468 10.37 6.86 3.81
C CYS A 468 8.99 6.88 4.53
N LEU A 469 8.45 8.07 4.75
CA LEU A 469 7.17 8.20 5.46
C LEU A 469 6.07 7.53 4.64
N THR A 470 6.14 7.68 3.31
CA THR A 470 5.11 7.10 2.46
C THR A 470 5.19 5.58 2.53
N GLN A 471 6.40 5.02 2.47
CA GLN A 471 6.52 3.56 2.55
C GLN A 471 5.96 3.02 3.85
N LYS A 472 6.10 3.74 4.95
CA LYS A 472 5.52 3.24 6.24
C LYS A 472 4.03 2.98 6.06
N ARG A 473 3.32 3.90 5.39
CA ARG A 473 1.88 3.73 5.20
C ARG A 473 1.59 2.68 4.15
N LEU A 474 2.29 2.78 3.02
CA LEU A 474 2.09 1.80 1.94
C LEU A 474 2.25 0.35 2.41
N ALA A 475 3.35 0.07 3.12
CA ALA A 475 3.65 -1.27 3.62
C ALA A 475 2.56 -1.81 4.55
N ALA A 476 1.87 -0.90 5.24
CA ALA A 476 0.75 -1.25 6.11
C ALA A 476 -0.61 -1.35 5.41
N GLY A 477 -0.63 -1.01 4.12
CA GLY A 477 -1.87 -0.95 3.36
C GLY A 477 -2.70 0.29 3.68
N LYS A 478 -2.08 1.31 4.25
CA LYS A 478 -2.78 2.53 4.63
C LYS A 478 -2.75 3.52 3.47
N SER A 479 -3.83 4.30 3.36
CA SER A 479 -3.98 5.24 2.24
C SER A 479 -3.04 6.42 2.31
N VAL A 480 -2.69 6.90 1.12
CA VAL A 480 -1.89 8.12 0.96
C VAL A 480 -2.54 8.99 -0.12
N GLY A 481 -3.86 9.02 -0.13
CA GLY A 481 -4.59 9.77 -1.17
C GLY A 481 -6.08 9.59 -1.02
N ILE A 482 -6.82 10.06 -2.02
CA ILE A 482 -8.28 10.06 -2.05
C ILE A 482 -8.79 8.62 -2.10
N LYS A 483 -9.96 8.41 -1.51
CA LYS A 483 -10.60 7.09 -1.54
C LYS A 483 -10.85 6.65 -2.99
N GLY A 484 -10.47 5.41 -3.29
CA GLY A 484 -10.74 4.84 -4.61
C GLY A 484 -9.64 5.13 -5.62
N GLU A 485 -8.62 5.90 -5.24
CA GLU A 485 -7.52 6.23 -6.15
C GLU A 485 -6.29 5.35 -5.97
N PRO B 20 -21.18 -67.69 1.63
CA PRO B 20 -22.39 -68.23 1.00
C PRO B 20 -22.63 -67.62 -0.37
N ALA B 21 -23.44 -68.31 -1.19
CA ALA B 21 -23.84 -67.78 -2.51
C ALA B 21 -24.84 -66.63 -2.35
N ASN B 22 -25.68 -66.73 -1.32
CA ASN B 22 -26.72 -65.76 -1.00
C ASN B 22 -26.14 -64.37 -0.70
N LEU B 23 -25.05 -64.34 0.08
CA LEU B 23 -24.32 -63.10 0.36
C LEU B 23 -23.35 -62.68 -0.75
N MET B 24 -22.77 -63.65 -1.45
CA MET B 24 -21.88 -63.36 -2.58
C MET B 24 -22.57 -62.50 -3.64
N GLU B 25 -23.85 -62.80 -3.89
CA GLU B 25 -24.64 -62.03 -4.85
C GLU B 25 -24.86 -60.60 -4.36
N GLN B 26 -25.08 -60.46 -3.06
CA GLN B 26 -25.23 -59.12 -2.46
C GLN B 26 -23.93 -58.32 -2.45
N ILE B 27 -22.80 -58.98 -2.22
CA ILE B 27 -21.47 -58.36 -2.36
C ILE B 27 -21.22 -57.88 -3.80
N HIS B 28 -21.59 -58.69 -4.79
CA HIS B 28 -21.50 -58.28 -6.19
C HIS B 28 -22.30 -57.02 -6.44
N GLY B 29 -23.50 -56.97 -5.85
CA GLY B 29 -24.36 -55.78 -5.92
C GLY B 29 -23.68 -54.56 -5.32
N LEU B 30 -23.05 -54.75 -4.17
CA LEU B 30 -22.27 -53.64 -3.55
C LEU B 30 -21.12 -53.15 -4.42
N GLU B 31 -20.44 -54.09 -5.07
CA GLU B 31 -19.37 -53.75 -6.01
C GLU B 31 -19.93 -52.94 -7.18
N THR B 32 -21.10 -53.34 -7.68
CA THR B 32 -21.76 -52.55 -8.76
C THR B 32 -22.06 -51.12 -8.28
N LEU B 33 -22.54 -51.01 -7.05
CA LEU B 33 -22.95 -49.71 -6.54
C LEU B 33 -21.79 -48.78 -6.23
N PHE B 34 -20.65 -49.34 -5.82
CA PHE B 34 -19.60 -48.52 -5.21
C PHE B 34 -18.27 -48.54 -5.93
N THR B 35 -18.18 -49.24 -7.05
CA THR B 35 -16.94 -49.21 -7.84
C THR B 35 -17.01 -48.07 -8.86
N VAL B 36 -15.97 -47.25 -8.91
CA VAL B 36 -15.88 -46.21 -9.95
C VAL B 36 -14.75 -46.59 -10.91
N SER B 37 -15.10 -46.83 -12.17
CA SER B 37 -14.14 -47.25 -13.17
C SER B 37 -13.19 -46.11 -13.56
N SER B 38 -12.06 -46.47 -14.15
CA SER B 38 -11.12 -45.46 -14.64
C SER B 38 -11.76 -44.63 -15.75
N GLU B 39 -12.58 -45.27 -16.59
CA GLU B 39 -13.34 -44.55 -17.63
C GLU B 39 -14.27 -43.51 -17.00
N LYS B 40 -14.98 -43.90 -15.95
CA LYS B 40 -15.88 -42.97 -15.26
C LYS B 40 -15.07 -41.83 -14.63
N MET B 41 -13.96 -42.16 -13.99
CA MET B 41 -13.10 -41.07 -13.46
C MET B 41 -12.71 -40.06 -14.54
N ARG B 42 -12.30 -40.57 -15.69
CA ARG B 42 -11.88 -39.69 -16.77
C ARG B 42 -13.02 -38.80 -17.26
N SER B 43 -14.23 -39.34 -17.31
CA SER B 43 -15.42 -38.56 -17.64
C SER B 43 -15.72 -37.47 -16.60
N ILE B 44 -15.63 -37.84 -15.33
CA ILE B 44 -15.84 -36.87 -14.26
C ILE B 44 -14.81 -35.76 -14.38
N VAL B 45 -13.56 -36.14 -14.64
CA VAL B 45 -12.48 -35.13 -14.79
C VAL B 45 -12.81 -34.11 -15.89
N LYS B 46 -13.25 -34.60 -17.05
CA LYS B 46 -13.58 -33.70 -18.16
C LYS B 46 -14.67 -32.71 -17.76
N HIS B 47 -15.72 -33.19 -17.09
CA HIS B 47 -16.76 -32.29 -16.60
C HIS B 47 -16.25 -31.32 -15.51
N PHE B 48 -15.40 -31.81 -14.61
CA PHE B 48 -14.82 -31.00 -13.55
C PHE B 48 -14.03 -29.86 -14.18
N ILE B 49 -13.24 -30.17 -15.21
CA ILE B 49 -12.44 -29.11 -15.88
C ILE B 49 -13.39 -28.04 -16.46
N SER B 50 -14.47 -28.47 -17.09
CA SER B 50 -15.44 -27.51 -17.64
C SER B 50 -16.05 -26.65 -16.51
N GLU B 51 -16.23 -27.24 -15.33
CA GLU B 51 -16.82 -26.50 -14.23
C GLU B 51 -15.81 -25.56 -13.56
N LEU B 52 -14.52 -25.93 -13.59
CA LEU B 52 -13.48 -24.98 -13.18
C LEU B 52 -13.49 -23.75 -14.12
N ASP B 53 -13.53 -24.01 -15.43
CA ASP B 53 -13.64 -22.92 -16.42
C ASP B 53 -14.88 -22.06 -16.12
N LYS B 54 -16.03 -22.71 -15.93
CA LYS B 54 -17.27 -21.98 -15.71
C LYS B 54 -17.23 -21.09 -14.46
N GLY B 55 -16.65 -21.58 -13.39
CA GLY B 55 -16.57 -20.80 -12.15
C GLY B 55 -15.74 -19.53 -12.28
N LEU B 56 -14.81 -19.52 -13.22
CA LEU B 56 -13.98 -18.34 -13.50
C LEU B 56 -14.64 -17.36 -14.47
N SER B 57 -15.73 -17.79 -15.09
CA SER B 57 -16.44 -16.96 -16.07
C SER B 57 -17.27 -15.83 -15.43
N LYS B 58 -17.60 -14.79 -16.20
CA LYS B 58 -18.51 -13.74 -15.72
C LYS B 58 -19.83 -14.25 -15.16
N LYS B 59 -20.45 -15.20 -15.87
CA LYS B 59 -21.72 -15.80 -15.43
C LYS B 59 -21.56 -16.61 -14.16
N GLY B 60 -20.38 -17.21 -13.98
CA GLY B 60 -20.12 -18.08 -12.82
C GLY B 60 -20.77 -19.46 -12.93
N GLY B 61 -20.50 -20.29 -11.92
CA GLY B 61 -21.05 -21.64 -11.86
C GLY B 61 -21.11 -22.10 -10.42
N ASN B 62 -21.41 -23.38 -10.25
CA ASN B 62 -21.52 -23.93 -8.90
C ASN B 62 -20.22 -23.97 -8.16
N ILE B 63 -19.10 -24.00 -8.87
CA ILE B 63 -17.78 -23.94 -8.19
C ILE B 63 -17.39 -22.47 -8.07
N PRO B 64 -17.22 -21.97 -6.82
CA PRO B 64 -16.97 -20.51 -6.64
C PRO B 64 -15.69 -19.96 -7.33
N MET B 65 -14.60 -20.74 -7.34
CA MET B 65 -13.32 -20.35 -8.00
C MET B 65 -12.92 -18.96 -7.56
N ILE B 66 -12.72 -18.83 -6.25
CA ILE B 66 -12.55 -17.52 -5.63
C ILE B 66 -11.10 -17.00 -5.78
N PRO B 67 -10.91 -15.82 -6.38
CA PRO B 67 -9.53 -15.29 -6.43
C PRO B 67 -9.01 -15.05 -5.01
N GLY B 68 -7.81 -15.53 -4.72
CA GLY B 68 -7.22 -15.40 -3.38
C GLY B 68 -6.30 -14.22 -3.20
N TRP B 69 -6.08 -13.45 -4.26
CA TRP B 69 -5.31 -12.21 -4.19
C TRP B 69 -3.86 -12.40 -3.79
N VAL B 70 -3.34 -13.59 -4.11
CA VAL B 70 -1.93 -13.89 -4.07
C VAL B 70 -1.49 -13.98 -5.53
N VAL B 71 -0.64 -13.03 -5.92
CA VAL B 71 -0.35 -12.83 -7.36
C VAL B 71 1.13 -13.08 -7.69
N GLU B 72 1.80 -13.81 -6.82
CA GLU B 72 3.18 -14.19 -6.99
C GLU B 72 3.37 -15.56 -6.39
N TYR B 73 4.28 -16.35 -6.97
CA TYR B 73 4.72 -17.60 -6.38
C TYR B 73 5.81 -17.28 -5.36
N PRO B 74 5.79 -17.94 -4.17
CA PRO B 74 6.96 -17.81 -3.32
C PRO B 74 8.15 -18.53 -3.96
N THR B 75 9.31 -17.90 -3.89
CA THR B 75 10.51 -18.43 -4.54
C THR B 75 11.32 -19.33 -3.63
N GLY B 76 11.06 -19.24 -2.32
CA GLY B 76 11.88 -19.90 -1.33
C GLY B 76 13.00 -19.03 -0.79
N LYS B 77 13.19 -17.87 -1.41
CA LYS B 77 14.24 -16.91 -1.02
C LYS B 77 13.75 -15.82 -0.06
N GLU B 78 12.46 -15.84 0.27
CA GLU B 78 11.88 -14.85 1.18
C GLU B 78 12.47 -15.03 2.57
N THR B 79 12.70 -13.91 3.22
CA THR B 79 13.23 -13.88 4.58
C THR B 79 12.46 -12.92 5.47
N GLY B 80 12.55 -13.14 6.78
CA GLY B 80 12.02 -12.19 7.74
C GLY B 80 11.01 -12.81 8.69
N ASP B 81 10.49 -11.97 9.59
CA ASP B 81 9.57 -12.40 10.65
C ASP B 81 8.12 -12.00 10.36
N PHE B 82 7.22 -12.98 10.42
CA PHE B 82 5.83 -12.76 10.05
C PHE B 82 4.90 -13.47 11.01
N LEU B 83 3.74 -12.87 11.25
CA LEU B 83 2.78 -13.47 12.14
C LEU B 83 1.60 -14.08 11.40
N ALA B 84 0.95 -15.04 12.06
CA ALA B 84 -0.36 -15.49 11.63
C ALA B 84 -1.30 -15.60 12.82
N LEU B 85 -2.59 -15.46 12.52
CA LEU B 85 -3.65 -15.61 13.50
C LEU B 85 -4.67 -16.56 12.90
N ASP B 86 -5.13 -17.52 13.69
CA ASP B 86 -6.06 -18.56 13.23
C ASP B 86 -7.15 -18.57 14.29
N LEU B 87 -8.37 -18.12 13.97
CA LEU B 87 -9.47 -18.00 14.97
C LEU B 87 -10.49 -19.17 14.97
N GLY B 88 -10.58 -19.89 16.09
CA GLY B 88 -11.57 -20.97 16.21
C GLY B 88 -12.75 -20.59 17.07
N GLY B 89 -13.69 -21.53 17.25
CA GLY B 89 -14.82 -21.35 18.15
C GLY B 89 -14.50 -21.43 19.65
N THR B 90 -13.38 -22.07 20.00
CA THR B 90 -13.01 -22.24 21.40
C THR B 90 -11.55 -21.88 21.71
N ASN B 91 -10.75 -21.68 20.66
CA ASN B 91 -9.33 -21.30 20.79
C ASN B 91 -8.90 -20.37 19.67
N LEU B 92 -7.85 -19.63 19.93
CA LEU B 92 -7.18 -18.83 18.93
C LEU B 92 -5.71 -19.23 18.93
N ARG B 93 -5.12 -19.29 17.74
CA ARG B 93 -3.74 -19.62 17.58
C ARG B 93 -3.02 -18.39 17.05
N VAL B 94 -1.91 -18.02 17.70
CA VAL B 94 -0.98 -17.02 17.21
C VAL B 94 0.33 -17.71 16.83
N VAL B 95 0.81 -17.43 15.63
CA VAL B 95 1.98 -18.13 15.08
C VAL B 95 3.03 -17.13 14.66
N LEU B 96 4.29 -17.41 15.00
CA LEU B 96 5.42 -16.62 14.50
C LEU B 96 6.22 -17.48 13.54
N VAL B 97 6.53 -16.95 12.34
CA VAL B 97 7.31 -17.67 11.34
C VAL B 97 8.52 -16.79 11.00
N LYS B 98 9.72 -17.38 11.12
CA LYS B 98 10.97 -16.72 10.72
C LYS B 98 11.44 -17.44 9.45
N LEU B 99 11.29 -16.77 8.30
CA LEU B 99 11.64 -17.36 7.00
C LEU B 99 13.13 -17.28 6.79
N GLY B 100 13.72 -18.40 6.38
CA GLY B 100 15.17 -18.54 6.33
C GLY B 100 15.78 -18.26 4.97
N GLY B 101 14.94 -18.09 3.93
CA GLY B 101 15.44 -17.81 2.58
C GLY B 101 16.07 -18.95 1.77
N ASN B 102 15.94 -20.17 2.26
CA ASN B 102 16.28 -21.34 1.47
C ASN B 102 15.21 -22.43 1.60
N HIS B 103 13.97 -22.04 1.30
CA HIS B 103 12.79 -22.96 1.36
C HIS B 103 12.62 -23.49 2.79
N ASP B 104 13.09 -22.72 3.76
CA ASP B 104 13.13 -23.15 5.15
C ASP B 104 12.57 -22.09 6.09
N PHE B 105 12.20 -22.52 7.29
CA PHE B 105 11.67 -21.60 8.30
C PHE B 105 11.78 -22.18 9.70
N ASP B 106 11.71 -21.27 10.68
CA ASP B 106 11.55 -21.64 12.10
C ASP B 106 10.17 -21.12 12.48
N THR B 107 9.45 -21.85 13.33
CA THR B 107 8.14 -21.36 13.75
C THR B 107 7.84 -21.76 15.19
N THR B 108 7.01 -20.96 15.84
CA THR B 108 6.54 -21.24 17.18
C THR B 108 5.12 -20.70 17.23
N GLN B 109 4.35 -21.18 18.20
CA GLN B 109 2.96 -20.73 18.31
C GLN B 109 2.48 -20.77 19.75
N ASN B 110 1.39 -20.06 20.00
CA ASN B 110 0.68 -20.16 21.29
C ASN B 110 -0.80 -20.29 20.98
N LYS B 111 -1.49 -21.12 21.74
CA LYS B 111 -2.95 -21.22 21.66
C LYS B 111 -3.55 -20.59 22.91
N TYR B 112 -4.56 -19.76 22.69
CA TYR B 112 -5.29 -19.08 23.76
C TYR B 112 -6.72 -19.55 23.80
N ARG B 113 -7.18 -19.98 24.97
CA ARG B 113 -8.59 -20.35 25.19
C ARG B 113 -9.45 -19.14 24.90
N LEU B 114 -10.48 -19.34 24.08
CA LEU B 114 -11.45 -18.28 23.84
C LEU B 114 -12.56 -18.47 24.88
N PRO B 115 -12.74 -17.47 25.77
CA PRO B 115 -13.79 -17.52 26.77
C PRO B 115 -15.15 -17.72 26.08
N ASP B 116 -15.98 -18.63 26.61
CA ASP B 116 -17.26 -18.98 26.00
C ASP B 116 -18.11 -17.76 25.65
N HIS B 117 -18.14 -16.78 26.55
CA HIS B 117 -19.01 -15.61 26.38
C HIS B 117 -18.67 -14.78 25.14
N LEU B 118 -17.44 -14.91 24.65
CA LEU B 118 -17.02 -14.09 23.50
C LEU B 118 -17.72 -14.47 22.23
N ARG B 119 -18.27 -15.68 22.18
CA ARG B 119 -19.00 -16.10 20.98
C ARG B 119 -20.31 -15.32 20.79
N THR B 120 -20.83 -14.75 21.88
CA THR B 120 -22.11 -14.09 21.87
C THR B 120 -22.06 -12.68 22.45
N GLY B 121 -20.85 -12.16 22.61
CA GLY B 121 -20.68 -10.82 23.16
C GLY B 121 -20.69 -9.77 22.07
N THR B 122 -20.05 -8.63 22.35
CA THR B 122 -19.99 -7.56 21.36
C THR B 122 -18.81 -7.73 20.42
N SER B 123 -18.85 -6.98 19.32
CA SER B 123 -17.78 -6.99 18.36
C SER B 123 -16.50 -6.49 19.03
N GLU B 124 -16.59 -5.38 19.75
CA GLU B 124 -15.43 -4.83 20.44
C GLU B 124 -14.83 -5.81 21.44
N GLN B 125 -15.67 -6.60 22.12
CA GLN B 125 -15.15 -7.63 23.06
C GLN B 125 -14.30 -8.68 22.35
N LEU B 126 -14.73 -9.14 21.18
CA LEU B 126 -13.96 -10.11 20.41
C LEU B 126 -12.65 -9.52 19.97
N TRP B 127 -12.69 -8.37 19.30
CA TRP B 127 -11.46 -7.86 18.69
C TRP B 127 -10.48 -7.41 19.75
N SER B 128 -10.99 -6.89 20.86
CA SER B 128 -10.10 -6.47 21.96
CA SER B 128 -10.10 -6.48 21.96
C SER B 128 -9.44 -7.69 22.59
N PHE B 129 -10.18 -8.77 22.76
CA PHE B 129 -9.58 -10.00 23.29
C PHE B 129 -8.47 -10.49 22.37
N ILE B 130 -8.72 -10.50 21.06
CA ILE B 130 -7.72 -10.96 20.13
C ILE B 130 -6.48 -10.06 20.20
N ALA B 131 -6.69 -8.76 20.23
CA ALA B 131 -5.54 -7.84 20.32
C ALA B 131 -4.74 -8.07 21.62
N LYS B 132 -5.41 -8.32 22.74
CA LYS B 132 -4.71 -8.59 23.99
C LYS B 132 -3.83 -9.84 23.86
N CYS B 133 -4.30 -10.86 23.15
CA CYS B 133 -3.49 -12.07 22.98
C CYS B 133 -2.30 -11.74 22.09
N LEU B 134 -2.50 -10.98 21.03
CA LEU B 134 -1.36 -10.57 20.20
C LEU B 134 -0.34 -9.76 20.98
N LYS B 135 -0.79 -8.85 21.85
CA LYS B 135 0.16 -8.06 22.64
C LYS B 135 0.99 -8.98 23.54
N GLU B 136 0.34 -9.93 24.22
CA GLU B 136 1.05 -10.83 25.11
C GLU B 136 2.09 -11.63 24.32
N PHE B 137 1.70 -12.07 23.14
CA PHE B 137 2.62 -12.83 22.31
C PHE B 137 3.83 -12.00 21.85
N VAL B 138 3.56 -10.81 21.31
CA VAL B 138 4.64 -9.95 20.79
C VAL B 138 5.55 -9.53 21.96
N ASP B 139 5.00 -9.21 23.15
CA ASP B 139 5.83 -8.81 24.25
C ASP B 139 6.73 -9.94 24.78
N GLU B 140 6.26 -11.17 24.63
CA GLU B 140 7.06 -12.34 25.01
C GLU B 140 8.24 -12.55 24.03
N TRP B 141 7.94 -12.50 22.74
CA TRP B 141 8.90 -12.83 21.70
C TRP B 141 9.81 -11.68 21.33
N TYR B 142 9.33 -10.46 21.58
CA TYR B 142 10.09 -9.27 21.20
C TYR B 142 10.06 -8.31 22.38
N PRO B 143 10.78 -8.66 23.46
CA PRO B 143 10.63 -7.86 24.70
C PRO B 143 11.14 -6.43 24.58
N ASP B 144 12.00 -6.18 23.58
CA ASP B 144 12.54 -4.84 23.39
C ASP B 144 11.78 -4.12 22.29
N GLY B 145 10.72 -4.74 21.78
CA GLY B 145 9.99 -4.23 20.61
C GLY B 145 10.63 -4.63 19.29
N VAL B 146 10.14 -4.05 18.18
CA VAL B 146 10.60 -4.40 16.83
C VAL B 146 10.99 -3.12 16.09
N SER B 147 11.92 -3.25 15.14
CA SER B 147 12.39 -2.11 14.38
C SER B 147 11.39 -1.70 13.31
N GLU B 148 10.59 -2.66 12.86
CA GLU B 148 9.53 -2.39 11.90
C GLU B 148 8.35 -3.30 12.27
N PRO B 149 7.12 -2.86 11.98
CA PRO B 149 5.98 -3.67 12.41
C PRO B 149 5.94 -5.06 11.79
N LEU B 150 5.40 -6.00 12.55
CA LEU B 150 5.26 -7.36 12.08
C LEU B 150 4.02 -7.47 11.19
N PRO B 151 4.20 -7.88 9.92
CA PRO B 151 3.02 -8.15 9.11
C PRO B 151 2.30 -9.43 9.58
N LEU B 152 0.97 -9.43 9.55
CA LEU B 152 0.19 -10.56 10.04
C LEU B 152 -0.80 -11.00 8.96
N GLY B 153 -0.90 -12.31 8.79
CA GLY B 153 -1.93 -12.96 7.94
C GLY B 153 -2.96 -13.60 8.84
N PHE B 154 -4.24 -13.40 8.52
CA PHE B 154 -5.34 -13.84 9.38
C PHE B 154 -6.11 -14.92 8.63
N THR B 155 -6.00 -16.17 9.11
CA THR B 155 -6.86 -17.22 8.55
C THR B 155 -8.20 -17.07 9.23
N PHE B 156 -9.22 -16.71 8.44
CA PHE B 156 -10.52 -16.41 8.96
C PHE B 156 -11.50 -17.43 8.39
N SER B 157 -11.79 -18.46 9.19
CA SER B 157 -12.52 -19.62 8.71
C SER B 157 -14.04 -19.50 8.91
N TYR B 158 -14.57 -18.36 8.47
CA TYR B 158 -16.01 -18.06 8.45
C TYR B 158 -16.40 -17.60 7.05
N PRO B 159 -17.65 -17.83 6.63
CA PRO B 159 -18.09 -17.35 5.30
C PRO B 159 -17.79 -15.84 5.14
N ALA B 160 -16.95 -15.50 4.18
CA ALA B 160 -16.43 -14.13 4.03
C ALA B 160 -16.06 -13.90 2.58
N SER B 161 -16.05 -12.64 2.16
CA SER B 161 -15.65 -12.29 0.80
C SER B 161 -14.67 -11.13 0.86
N GLN B 162 -13.85 -10.99 -0.19
CA GLN B 162 -12.87 -9.91 -0.19
C GLN B 162 -12.63 -9.44 -1.62
N LYS B 163 -12.48 -8.13 -1.75
CA LYS B 163 -12.13 -7.54 -3.04
C LYS B 163 -10.63 -7.20 -3.12
N LYS B 164 -9.93 -7.40 -2.01
CA LYS B 164 -8.49 -7.21 -1.92
C LYS B 164 -8.02 -8.08 -0.77
N ILE B 165 -6.74 -8.43 -0.73
CA ILE B 165 -6.33 -9.43 0.27
C ILE B 165 -6.38 -8.91 1.71
N ASN B 166 -6.18 -7.60 1.89
CA ASN B 166 -6.16 -7.03 3.24
C ASN B 166 -7.55 -6.56 3.65
N SER B 167 -8.51 -7.49 3.58
CA SER B 167 -9.92 -7.20 3.85
C SER B 167 -10.64 -8.52 4.01
N GLY B 168 -11.74 -8.53 4.75
CA GLY B 168 -12.61 -9.70 4.74
C GLY B 168 -13.95 -9.29 5.28
N VAL B 169 -14.94 -9.32 4.40
CA VAL B 169 -16.31 -8.95 4.78
C VAL B 169 -17.06 -10.20 5.19
N LEU B 170 -17.40 -10.28 6.47
CA LEU B 170 -18.10 -11.45 6.99
C LEU B 170 -19.47 -11.58 6.34
N GLN B 171 -19.77 -12.77 5.82
CA GLN B 171 -21.06 -13.03 5.22
C GLN B 171 -22.06 -13.51 6.27
N ARG B 172 -21.66 -14.48 7.08
CA ARG B 172 -22.52 -14.99 8.15
C ARG B 172 -21.65 -15.71 9.18
N TRP B 173 -21.97 -15.54 10.45
CA TRP B 173 -21.29 -16.32 11.49
C TRP B 173 -21.61 -17.81 11.39
N THR B 174 -20.63 -18.64 11.76
CA THR B 174 -20.81 -20.08 11.94
C THR B 174 -20.22 -20.48 13.30
N LYS B 175 -20.30 -21.77 13.64
CA LYS B 175 -19.60 -22.35 14.80
C LYS B 175 -20.04 -21.79 16.16
N GLY B 176 -21.30 -21.41 16.27
CA GLY B 176 -21.83 -20.87 17.53
C GLY B 176 -21.59 -19.39 17.77
N PHE B 177 -20.87 -18.73 16.87
CA PHE B 177 -20.71 -17.28 16.96
C PHE B 177 -22.01 -16.56 16.63
N ASP B 178 -22.32 -15.54 17.41
CA ASP B 178 -23.52 -14.75 17.25
C ASP B 178 -23.21 -13.36 17.79
N ILE B 179 -22.35 -12.63 17.07
CA ILE B 179 -21.97 -11.29 17.47
C ILE B 179 -22.60 -10.27 16.52
N GLU B 180 -23.37 -9.34 17.09
CA GLU B 180 -24.05 -8.30 16.32
C GLU B 180 -23.06 -7.28 15.73
N GLY B 181 -23.43 -6.74 14.58
CA GLY B 181 -22.69 -5.66 13.95
C GLY B 181 -21.40 -6.05 13.28
N VAL B 182 -21.26 -7.34 12.90
CA VAL B 182 -20.07 -7.80 12.16
C VAL B 182 -20.45 -8.32 10.78
N GLU B 183 -21.53 -9.09 10.67
CA GLU B 183 -21.93 -9.58 9.35
C GLU B 183 -22.16 -8.40 8.43
N GLY B 184 -21.60 -8.48 7.23
CA GLY B 184 -21.71 -7.39 6.27
C GLY B 184 -20.65 -6.32 6.41
N HIS B 185 -19.73 -6.50 7.36
CA HIS B 185 -18.68 -5.53 7.60
C HIS B 185 -17.30 -6.15 7.45
N ASP B 186 -16.32 -5.30 7.18
CA ASP B 186 -14.93 -5.73 7.00
C ASP B 186 -14.26 -5.93 8.37
N VAL B 187 -13.82 -7.16 8.63
CA VAL B 187 -13.21 -7.47 9.93
C VAL B 187 -11.79 -6.96 10.08
N VAL B 188 -11.08 -6.71 8.96
CA VAL B 188 -9.68 -6.34 9.06
C VAL B 188 -9.47 -5.02 9.83
N PRO B 189 -10.20 -3.94 9.44
CA PRO B 189 -10.07 -2.69 10.22
C PRO B 189 -10.59 -2.82 11.66
N MET B 190 -11.55 -3.71 11.91
CA MET B 190 -12.01 -3.97 13.30
C MET B 190 -10.88 -4.51 14.18
N LEU B 191 -10.12 -5.48 13.65
CA LEU B 191 -8.96 -6.01 14.39
C LEU B 191 -7.84 -4.98 14.45
N GLN B 192 -7.55 -4.34 13.32
CA GLN B 192 -6.44 -3.38 13.29
C GLN B 192 -6.65 -2.24 14.29
N GLU B 193 -7.89 -1.78 14.42
CA GLU B 193 -8.20 -0.70 15.35
C GLU B 193 -7.83 -1.11 16.80
N GLN B 194 -8.12 -2.35 17.17
CA GLN B 194 -7.82 -2.80 18.54
C GLN B 194 -6.34 -3.03 18.76
N ILE B 195 -5.64 -3.44 17.70
CA ILE B 195 -4.19 -3.54 17.72
C ILE B 195 -3.55 -2.16 17.96
N GLU B 196 -4.03 -1.16 17.21
CA GLU B 196 -3.48 0.18 17.37
C GLU B 196 -3.78 0.80 18.72
N LYS B 197 -4.96 0.52 19.28
CA LYS B 197 -5.33 1.02 20.57
C LYS B 197 -4.34 0.53 21.66
N LEU B 198 -3.80 -0.68 21.48
CA LEU B 198 -2.83 -1.25 22.43
C LEU B 198 -1.37 -0.97 22.01
N ASN B 199 -1.20 -0.20 20.93
CA ASN B 199 0.12 0.19 20.41
C ASN B 199 1.01 -1.03 20.09
N ILE B 200 0.39 -2.08 19.56
CA ILE B 200 1.16 -3.27 19.23
C ILE B 200 1.69 -3.07 17.81
N PRO B 201 2.97 -3.39 17.58
CA PRO B 201 3.57 -3.12 16.26
C PRO B 201 3.27 -4.24 15.24
N ILE B 202 2.00 -4.31 14.84
CA ILE B 202 1.52 -5.30 13.89
C ILE B 202 0.69 -4.61 12.82
N ASN B 203 0.84 -5.02 11.57
CA ASN B 203 -0.09 -4.64 10.49
C ASN B 203 -0.76 -5.87 9.94
N VAL B 204 -2.10 -5.89 10.03
CA VAL B 204 -2.86 -7.00 9.45
C VAL B 204 -2.93 -6.73 7.95
N VAL B 205 -2.19 -7.53 7.18
CA VAL B 205 -2.05 -7.26 5.73
C VAL B 205 -2.77 -8.28 4.87
N ALA B 206 -3.21 -9.41 5.44
CA ALA B 206 -3.84 -10.42 4.61
C ALA B 206 -4.86 -11.19 5.40
N LEU B 207 -5.96 -11.54 4.74
CA LEU B 207 -6.94 -12.43 5.31
C LEU B 207 -7.20 -13.52 4.28
N ILE B 208 -7.11 -14.78 4.72
CA ILE B 208 -7.10 -15.91 3.79
C ILE B 208 -8.00 -17.05 4.20
N ASN B 209 -8.29 -17.91 3.24
CA ASN B 209 -8.83 -19.26 3.47
C ASN B 209 -7.65 -20.21 3.71
N ASP B 210 -7.83 -21.16 4.63
CA ASP B 210 -6.74 -22.05 5.00
C ASP B 210 -6.15 -22.83 3.84
N THR B 211 -6.96 -23.20 2.84
CA THR B 211 -6.47 -24.00 1.72
C THR B 211 -5.51 -23.20 0.84
N THR B 212 -5.79 -21.89 0.69
CA THR B 212 -4.84 -20.99 0.01
C THR B 212 -3.51 -20.99 0.77
N GLY B 213 -3.57 -20.97 2.10
CA GLY B 213 -2.33 -21.05 2.88
C GLY B 213 -1.62 -22.38 2.71
N THR B 214 -2.38 -23.47 2.59
CA THR B 214 -1.76 -24.78 2.40
C THR B 214 -0.96 -24.82 1.09
N LEU B 215 -1.55 -24.25 0.04
CA LEU B 215 -0.87 -24.14 -1.26
C LEU B 215 0.43 -23.33 -1.14
N VAL B 216 0.32 -22.12 -0.57
CA VAL B 216 1.46 -21.21 -0.55
C VAL B 216 2.58 -21.67 0.35
N ALA B 217 2.25 -22.11 1.58
CA ALA B 217 3.28 -22.61 2.48
C ALA B 217 4.01 -23.81 1.88
N SER B 218 3.27 -24.70 1.23
CA SER B 218 3.87 -25.92 0.69
C SER B 218 4.74 -25.59 -0.51
N LEU B 219 4.33 -24.63 -1.33
CA LEU B 219 5.16 -24.21 -2.46
C LEU B 219 6.45 -23.52 -2.00
N TYR B 220 6.39 -22.77 -0.88
CA TYR B 220 7.59 -22.16 -0.35
C TYR B 220 8.64 -23.23 -0.01
N THR B 221 8.23 -24.33 0.62
CA THR B 221 9.20 -25.36 1.03
C THR B 221 9.48 -26.42 -0.03
N ASP B 222 8.52 -26.66 -0.92
CA ASP B 222 8.58 -27.72 -1.93
C ASP B 222 8.24 -27.11 -3.27
N PRO B 223 9.29 -26.78 -4.05
CA PRO B 223 9.01 -26.04 -5.30
C PRO B 223 8.20 -26.80 -6.36
N GLN B 224 8.00 -28.11 -6.17
CA GLN B 224 7.18 -28.93 -7.06
C GLN B 224 5.68 -28.85 -6.75
N THR B 225 5.28 -28.09 -5.71
CA THR B 225 3.89 -28.01 -5.32
C THR B 225 3.06 -27.33 -6.41
N LYS B 226 1.99 -27.98 -6.80
CA LYS B 226 1.07 -27.44 -7.82
C LYS B 226 -0.33 -27.19 -7.29
N MET B 227 -0.63 -27.70 -6.09
CA MET B 227 -1.98 -27.59 -5.53
C MET B 227 -1.88 -27.82 -4.04
N GLY B 228 -2.77 -27.19 -3.27
CA GLY B 228 -3.02 -27.54 -1.87
C GLY B 228 -4.39 -28.17 -1.83
N ILE B 229 -4.53 -29.26 -1.08
CA ILE B 229 -5.80 -29.96 -1.01
C ILE B 229 -6.08 -30.36 0.42
N ILE B 230 -7.32 -30.16 0.82
CA ILE B 230 -7.77 -30.61 2.15
C ILE B 230 -8.77 -31.73 1.95
N ILE B 231 -8.50 -32.84 2.63
CA ILE B 231 -9.32 -34.03 2.54
C ILE B 231 -9.62 -34.41 4.00
N GLY B 232 -10.72 -33.87 4.52
CA GLY B 232 -11.06 -34.05 5.95
C GLY B 232 -12.56 -34.17 6.08
N THR B 233 -13.09 -33.58 7.15
CA THR B 233 -14.54 -33.41 7.30
C THR B 233 -15.05 -32.52 6.17
N GLY B 234 -14.31 -31.45 5.91
CA GLY B 234 -14.58 -30.59 4.77
C GLY B 234 -13.58 -30.94 3.66
N VAL B 235 -13.88 -30.49 2.44
CA VAL B 235 -12.98 -30.66 1.33
C VAL B 235 -12.78 -29.34 0.61
N ASN B 236 -11.58 -29.14 0.07
CA ASN B 236 -11.32 -27.95 -0.73
C ASN B 236 -9.98 -28.15 -1.45
N GLY B 237 -9.74 -27.31 -2.46
CA GLY B 237 -8.47 -27.32 -3.19
C GLY B 237 -8.15 -25.91 -3.64
N ALA B 238 -6.85 -25.63 -3.70
CA ALA B 238 -6.36 -24.32 -4.20
C ALA B 238 -5.18 -24.52 -5.11
N TYR B 239 -5.03 -23.64 -6.10
CA TYR B 239 -3.93 -23.77 -7.05
C TYR B 239 -3.71 -22.39 -7.64
N TYR B 240 -2.64 -22.24 -8.40
CA TYR B 240 -2.43 -20.97 -9.14
C TYR B 240 -2.92 -21.02 -10.56
N ASP B 241 -3.83 -20.12 -10.90
CA ASP B 241 -4.18 -19.88 -12.29
C ASP B 241 -3.43 -18.62 -12.74
N VAL B 242 -3.88 -18.01 -13.84
CA VAL B 242 -3.22 -16.83 -14.38
C VAL B 242 -4.35 -15.81 -14.68
N VAL B 243 -4.07 -14.52 -14.49
CA VAL B 243 -5.09 -13.48 -14.62
C VAL B 243 -5.86 -13.48 -15.96
N SER B 244 -5.13 -13.73 -17.04
CA SER B 244 -5.72 -13.76 -18.38
C SER B 244 -6.75 -14.87 -18.56
N GLY B 245 -6.72 -15.87 -17.68
CA GLY B 245 -7.67 -16.97 -17.68
C GLY B 245 -8.87 -16.76 -16.78
N ILE B 246 -9.02 -15.55 -16.22
CA ILE B 246 -10.15 -15.28 -15.32
C ILE B 246 -11.06 -14.20 -15.88
N GLU B 247 -12.09 -14.62 -16.62
CA GLU B 247 -12.98 -13.68 -17.32
C GLU B 247 -13.65 -12.72 -16.34
N LYS B 248 -14.00 -13.25 -15.16
CA LYS B 248 -14.81 -12.48 -14.22
C LYS B 248 -14.02 -11.32 -13.59
N LEU B 249 -12.71 -11.29 -13.82
CA LEU B 249 -11.87 -10.15 -13.42
C LEU B 249 -11.58 -9.13 -14.52
N GLU B 250 -12.03 -9.42 -15.74
CA GLU B 250 -11.84 -8.46 -16.84
C GLU B 250 -12.49 -7.14 -16.52
N GLY B 251 -11.73 -6.06 -16.68
CA GLY B 251 -12.25 -4.71 -16.47
C GLY B 251 -12.23 -4.29 -15.01
N LEU B 252 -11.76 -5.18 -14.15
CA LEU B 252 -11.74 -4.92 -12.70
C LEU B 252 -10.35 -4.75 -12.11
N LEU B 253 -9.32 -5.08 -12.89
CA LEU B 253 -7.98 -5.11 -12.34
C LEU B 253 -7.21 -3.83 -12.58
N PRO B 254 -6.40 -3.40 -11.60
CA PRO B 254 -5.48 -2.29 -11.82
C PRO B 254 -4.37 -2.68 -12.81
N GLU B 255 -3.70 -1.69 -13.38
CA GLU B 255 -2.68 -1.96 -14.40
C GLU B 255 -1.52 -2.80 -13.87
N ASP B 256 -1.23 -2.70 -12.57
CA ASP B 256 -0.10 -3.43 -12.00
C ASP B 256 -0.40 -4.90 -11.62
N ILE B 257 -1.60 -5.38 -11.92
CA ILE B 257 -1.88 -6.82 -11.92
C ILE B 257 -2.16 -7.19 -13.39
N GLY B 258 -1.09 -7.53 -14.10
CA GLY B 258 -1.15 -7.72 -15.56
C GLY B 258 -1.73 -9.06 -15.96
N PRO B 259 -2.02 -9.25 -17.27
CA PRO B 259 -2.64 -10.49 -17.75
C PRO B 259 -1.80 -11.74 -17.48
N ASP B 260 -0.49 -11.59 -17.35
CA ASP B 260 0.36 -12.77 -17.11
C ASP B 260 0.65 -13.01 -15.62
N SER B 261 0.05 -12.20 -14.76
CA SER B 261 0.17 -12.45 -13.33
C SER B 261 -0.41 -13.79 -12.89
N PRO B 262 0.33 -14.53 -12.05
CA PRO B 262 -0.32 -15.65 -11.34
C PRO B 262 -1.48 -15.12 -10.47
N MET B 263 -2.44 -15.99 -10.22
CA MET B 263 -3.50 -15.70 -9.23
C MET B 263 -3.89 -16.97 -8.53
N ALA B 264 -3.66 -17.00 -7.22
CA ALA B 264 -4.10 -18.16 -6.43
C ALA B 264 -5.62 -18.18 -6.45
N ILE B 265 -6.17 -19.38 -6.63
CA ILE B 265 -7.61 -19.60 -6.64
C ILE B 265 -7.96 -20.54 -5.48
N ASN B 266 -8.93 -20.14 -4.66
CA ASN B 266 -9.51 -20.99 -3.62
C ASN B 266 -10.77 -21.56 -4.28
N CYS B 267 -10.73 -22.85 -4.68
CA CYS B 267 -11.83 -23.37 -5.53
C CYS B 267 -13.17 -23.43 -4.81
N GLU B 268 -13.16 -23.86 -3.54
CA GLU B 268 -14.40 -24.19 -2.79
C GLU B 268 -15.24 -25.18 -3.58
N TYR B 269 -14.57 -26.22 -4.08
CA TYR B 269 -15.18 -27.13 -5.04
C TYR B 269 -16.06 -28.21 -4.38
N GLY B 270 -16.34 -28.12 -3.08
CA GLY B 270 -17.35 -29.00 -2.47
C GLY B 270 -18.69 -28.99 -3.16
N SER B 271 -19.01 -27.87 -3.84
CA SER B 271 -20.26 -27.70 -4.59
C SER B 271 -20.20 -28.16 -6.04
N PHE B 272 -19.08 -28.72 -6.48
CA PHE B 272 -19.01 -29.31 -7.83
C PHE B 272 -20.17 -30.29 -8.01
N ASP B 273 -20.85 -30.14 -9.15
CA ASP B 273 -21.94 -31.03 -9.55
C ASP B 273 -23.16 -31.00 -8.61
N ASN B 274 -23.44 -29.85 -8.00
CA ASN B 274 -24.74 -29.67 -7.37
C ASN B 274 -25.89 -29.88 -8.35
N GLU B 275 -25.63 -29.73 -9.66
CA GLU B 275 -26.64 -30.00 -10.69
C GLU B 275 -26.97 -31.50 -10.83
N HIS B 276 -26.08 -32.35 -10.29
CA HIS B 276 -26.21 -33.80 -10.30
C HIS B 276 -26.25 -34.36 -11.74
N LEU B 277 -25.18 -34.09 -12.50
CA LEU B 277 -25.06 -34.54 -13.88
C LEU B 277 -23.99 -35.61 -14.09
N VAL B 278 -23.05 -35.77 -13.13
CA VAL B 278 -21.96 -36.71 -13.36
C VAL B 278 -21.51 -37.60 -12.20
N LEU B 279 -21.62 -37.13 -10.96
CA LEU B 279 -21.19 -37.98 -9.84
C LEU B 279 -22.09 -39.21 -9.70
N PRO B 280 -21.48 -40.37 -9.40
CA PRO B 280 -22.19 -41.64 -9.39
C PRO B 280 -22.92 -41.84 -8.08
N ARG B 281 -23.88 -40.94 -7.83
CA ARG B 281 -24.63 -41.03 -6.58
C ARG B 281 -25.58 -42.22 -6.60
N THR B 282 -25.47 -43.05 -5.56
CA THR B 282 -26.37 -44.16 -5.36
C THR B 282 -27.61 -43.70 -4.59
N LYS B 283 -28.59 -44.59 -4.46
CA LYS B 283 -29.77 -44.31 -3.65
C LYS B 283 -29.36 -43.88 -2.23
N TYR B 284 -28.28 -44.46 -1.71
CA TYR B 284 -27.77 -44.12 -0.36
C TYR B 284 -27.21 -42.70 -0.28
N ASP B 285 -26.44 -42.31 -1.29
CA ASP B 285 -25.98 -40.93 -1.39
C ASP B 285 -27.14 -39.94 -1.50
N VAL B 286 -28.18 -40.32 -2.24
CA VAL B 286 -29.32 -39.43 -2.41
C VAL B 286 -30.02 -39.25 -1.05
N ILE B 287 -30.18 -40.34 -0.30
CA ILE B 287 -30.80 -40.28 1.04
C ILE B 287 -29.98 -39.37 1.96
N ILE B 288 -28.67 -39.54 1.96
CA ILE B 288 -27.79 -38.71 2.81
C ILE B 288 -28.01 -37.23 2.51
N ASP B 289 -28.08 -36.88 1.24
CA ASP B 289 -28.30 -35.51 0.82
C ASP B 289 -29.68 -35.03 1.26
N GLU B 290 -30.71 -35.84 1.03
CA GLU B 290 -32.11 -35.47 1.38
C GLU B 290 -32.26 -35.23 2.87
N GLU B 291 -31.50 -35.99 3.67
CA GLU B 291 -31.60 -35.96 5.12
C GLU B 291 -30.57 -35.04 5.76
N SER B 292 -29.79 -34.33 4.94
CA SER B 292 -28.72 -33.46 5.43
C SER B 292 -29.30 -32.06 5.75
N PRO B 293 -28.52 -31.21 6.44
CA PRO B 293 -29.02 -29.87 6.77
C PRO B 293 -29.32 -29.01 5.54
N ARG B 294 -28.54 -29.19 4.46
CA ARG B 294 -28.75 -28.43 3.22
C ARG B 294 -28.87 -29.36 2.01
N PRO B 295 -30.05 -29.97 1.80
CA PRO B 295 -30.24 -30.84 0.64
C PRO B 295 -29.97 -30.10 -0.67
N GLY B 296 -29.21 -30.73 -1.56
CA GLY B 296 -28.92 -30.18 -2.87
C GLY B 296 -27.68 -29.30 -2.89
N GLN B 297 -27.07 -29.13 -1.72
CA GLN B 297 -25.81 -28.41 -1.60
C GLN B 297 -24.63 -29.35 -1.37
N GLN B 298 -23.44 -28.87 -1.68
CA GLN B 298 -22.22 -29.57 -1.37
C GLN B 298 -22.16 -31.02 -1.91
N ALA B 299 -22.59 -31.20 -3.16
CA ALA B 299 -22.67 -32.56 -3.72
C ALA B 299 -21.33 -33.28 -3.71
N PHE B 300 -20.28 -32.61 -4.16
CA PHE B 300 -18.98 -33.25 -4.22
C PHE B 300 -18.39 -33.50 -2.83
N GLU B 301 -18.58 -32.55 -1.91
CA GLU B 301 -18.16 -32.78 -0.52
C GLU B 301 -18.87 -34.00 0.09
N LYS B 302 -20.17 -34.16 -0.20
CA LYS B 302 -20.90 -35.30 0.35
C LYS B 302 -20.42 -36.63 -0.22
N MET B 303 -19.85 -36.59 -1.43
CA MET B 303 -19.36 -37.78 -2.08
C MET B 303 -17.90 -38.07 -1.79
N THR B 304 -17.17 -37.14 -1.17
CA THR B 304 -15.74 -37.34 -0.90
C THR B 304 -15.27 -37.14 0.55
N SER B 305 -16.06 -36.46 1.37
CA SER B 305 -15.68 -36.20 2.74
C SER B 305 -15.74 -37.47 3.62
N GLY B 306 -14.81 -37.53 4.55
CA GLY B 306 -14.73 -38.62 5.52
C GLY B 306 -15.94 -38.69 6.41
N TYR B 307 -16.60 -37.54 6.60
CA TYR B 307 -17.71 -37.39 7.52
C TYR B 307 -18.88 -38.34 7.23
N TYR B 308 -19.06 -38.70 5.96
CA TYR B 308 -20.25 -39.42 5.54
C TYR B 308 -20.03 -40.93 5.35
N LEU B 309 -18.78 -41.39 5.47
CA LEU B 309 -18.46 -42.78 5.10
C LEU B 309 -19.16 -43.81 5.96
N GLY B 310 -19.22 -43.59 7.27
CA GLY B 310 -19.97 -44.50 8.15
C GLY B 310 -21.47 -44.46 7.89
N GLU B 311 -22.00 -43.27 7.56
CA GLU B 311 -23.42 -43.09 7.27
C GLU B 311 -23.83 -43.86 6.00
N ILE B 312 -22.96 -43.84 4.98
CA ILE B 312 -23.21 -44.68 3.81
C ILE B 312 -23.31 -46.16 4.22
N MET B 313 -22.36 -46.60 5.04
CA MET B 313 -22.39 -47.97 5.55
C MET B 313 -23.64 -48.26 6.35
N ARG B 314 -24.05 -47.32 7.19
CA ARG B 314 -25.21 -47.53 8.07
C ARG B 314 -26.46 -47.78 7.22
N LEU B 315 -26.62 -46.97 6.17
CA LEU B 315 -27.80 -47.11 5.32
C LEU B 315 -27.81 -48.40 4.49
N VAL B 316 -26.64 -48.79 3.98
CA VAL B 316 -26.51 -50.02 3.23
C VAL B 316 -26.83 -51.23 4.09
N LEU B 317 -26.27 -51.25 5.30
CA LEU B 317 -26.49 -52.36 6.25
C LEU B 317 -27.95 -52.48 6.67
N LEU B 318 -28.61 -51.34 6.88
CA LEU B 318 -30.03 -51.35 7.22
C LEU B 318 -30.84 -51.92 6.07
N ASP B 319 -30.44 -51.58 4.84
CA ASP B 319 -31.11 -52.06 3.64
C ASP B 319 -30.98 -53.58 3.53
N LEU B 320 -29.76 -54.08 3.75
CA LEU B 320 -29.52 -55.52 3.79
C LEU B 320 -30.26 -56.22 4.95
N TYR B 321 -30.41 -55.53 6.07
CA TYR B 321 -31.21 -56.07 7.18
C TYR B 321 -32.71 -56.14 6.84
N ASP B 322 -33.22 -55.06 6.23
CA ASP B 322 -34.64 -54.98 5.86
C ASP B 322 -35.01 -56.01 4.78
N SER B 323 -34.04 -56.37 3.95
CA SER B 323 -34.23 -57.37 2.90
C SER B 323 -34.00 -58.80 3.40
N GLY B 324 -33.64 -58.94 4.68
CA GLY B 324 -33.55 -60.26 5.32
C GLY B 324 -32.26 -61.00 5.06
N PHE B 325 -31.18 -60.26 4.76
CA PHE B 325 -29.90 -60.88 4.40
C PHE B 325 -28.91 -61.01 5.56
N ILE B 326 -28.96 -60.07 6.49
CA ILE B 326 -27.96 -59.99 7.56
C ILE B 326 -28.60 -59.63 8.90
N PHE B 327 -27.89 -59.92 9.99
CA PHE B 327 -28.29 -59.59 11.36
C PHE B 327 -29.68 -60.10 11.69
N LYS B 328 -30.02 -61.29 11.18
CA LYS B 328 -31.39 -61.78 11.17
C LYS B 328 -32.04 -61.83 12.56
N ASP B 329 -31.31 -62.29 13.57
CA ASP B 329 -31.91 -62.44 14.89
C ASP B 329 -31.49 -61.36 15.89
N GLN B 330 -31.05 -60.22 15.33
CA GLN B 330 -30.46 -59.16 16.13
C GLN B 330 -31.44 -58.02 16.41
N ASP B 331 -31.20 -57.32 17.52
CA ASP B 331 -31.84 -56.05 17.78
C ASP B 331 -31.02 -54.94 17.12
N ILE B 332 -31.63 -54.30 16.12
CA ILE B 332 -30.96 -53.40 15.18
C ILE B 332 -31.11 -51.92 15.58
N SER B 333 -31.75 -51.68 16.71
CA SER B 333 -32.18 -50.34 17.14
C SER B 333 -31.13 -49.23 17.04
N LYS B 334 -29.92 -49.51 17.52
CA LYS B 334 -28.86 -48.49 17.59
C LYS B 334 -28.37 -48.07 16.21
N LEU B 335 -28.61 -48.94 15.23
CA LEU B 335 -28.23 -48.67 13.85
C LEU B 335 -29.24 -47.72 13.17
N LYS B 336 -30.37 -47.47 13.82
CA LYS B 336 -31.36 -46.56 13.27
C LYS B 336 -31.07 -45.09 13.61
N GLU B 337 -30.05 -44.84 14.43
CA GLU B 337 -29.63 -43.46 14.77
C GLU B 337 -28.77 -42.90 13.66
N ALA B 338 -29.23 -41.82 13.02
CA ALA B 338 -28.41 -41.19 11.98
C ALA B 338 -27.04 -40.74 12.51
N TYR B 339 -25.98 -41.05 11.75
CA TYR B 339 -24.62 -40.65 12.10
C TYR B 339 -24.03 -41.34 13.33
N VAL B 340 -24.68 -42.39 13.80
CA VAL B 340 -24.13 -43.24 14.88
C VAL B 340 -22.79 -43.86 14.44
N MET B 341 -22.66 -44.15 13.15
CA MET B 341 -21.41 -44.66 12.60
C MET B 341 -20.63 -43.50 12.01
N ASP B 342 -19.65 -43.02 12.75
CA ASP B 342 -18.81 -41.98 12.24
C ASP B 342 -17.65 -42.57 11.44
N THR B 343 -16.72 -41.72 11.01
CA THR B 343 -15.58 -42.15 10.19
C THR B 343 -14.74 -43.25 10.86
N SER B 344 -14.74 -43.30 12.20
CA SER B 344 -13.94 -44.29 12.90
C SER B 344 -14.43 -45.72 12.62
N TYR B 345 -15.67 -45.87 12.16
CA TYR B 345 -16.18 -47.22 11.85
C TYR B 345 -15.48 -47.82 10.62
N PRO B 346 -15.64 -47.21 9.41
CA PRO B 346 -14.91 -47.80 8.28
C PRO B 346 -13.40 -47.81 8.52
N SER B 347 -12.90 -46.86 9.30
CA SER B 347 -11.46 -46.82 9.59
C SER B 347 -11.03 -48.05 10.38
N LYS B 348 -11.71 -48.31 11.51
CA LYS B 348 -11.38 -49.48 12.31
C LYS B 348 -11.61 -50.81 11.56
N ILE B 349 -12.62 -50.83 10.70
CA ILE B 349 -12.97 -52.03 9.96
C ILE B 349 -11.89 -52.33 8.92
N GLU B 350 -11.47 -51.28 8.20
CA GLU B 350 -10.36 -51.43 7.24
C GLU B 350 -9.04 -51.79 7.92
N ASP B 351 -8.84 -51.32 9.16
CA ASP B 351 -7.60 -51.59 9.92
C ASP B 351 -7.56 -52.93 10.64
N ASP B 352 -8.70 -53.62 10.69
CA ASP B 352 -8.82 -54.90 11.38
C ASP B 352 -7.80 -55.91 10.82
N PRO B 353 -6.84 -56.36 11.64
CA PRO B 353 -5.80 -57.23 11.10
C PRO B 353 -6.16 -58.73 11.15
N PHE B 354 -7.29 -59.06 11.75
CA PHE B 354 -7.65 -60.45 12.05
C PHE B 354 -8.36 -61.14 10.90
N GLU B 355 -7.97 -62.39 10.66
CA GLU B 355 -8.64 -63.26 9.70
C GLU B 355 -10.15 -63.39 10.01
N ASN B 356 -10.50 -63.43 11.29
CA ASN B 356 -11.90 -63.49 11.69
C ASN B 356 -12.50 -62.13 12.05
N LEU B 357 -11.76 -61.07 11.72
CA LEU B 357 -12.22 -59.67 11.88
C LEU B 357 -12.75 -59.37 13.28
N GLU B 358 -11.91 -59.67 14.28
CA GLU B 358 -12.26 -59.54 15.69
C GLU B 358 -12.46 -58.07 16.13
N ASP B 359 -11.71 -57.14 15.53
CA ASP B 359 -11.95 -55.72 15.82
C ASP B 359 -13.34 -55.27 15.36
N THR B 360 -13.75 -55.72 14.18
CA THR B 360 -15.08 -55.44 13.63
C THR B 360 -16.17 -56.02 14.54
N ASP B 361 -15.94 -57.25 15.01
CA ASP B 361 -16.85 -57.92 15.93
C ASP B 361 -17.04 -57.10 17.20
N ASP B 362 -15.91 -56.72 17.83
CA ASP B 362 -15.93 -55.90 19.03
C ASP B 362 -16.64 -54.58 18.79
N LEU B 363 -16.32 -53.90 17.70
CA LEU B 363 -16.93 -52.63 17.35
C LEU B 363 -18.46 -52.75 17.30
N PHE B 364 -18.96 -53.75 16.58
CA PHE B 364 -20.41 -53.93 16.44
C PHE B 364 -21.11 -54.39 17.73
N LYS B 365 -20.48 -55.30 18.46
CA LYS B 365 -21.03 -55.76 19.74
C LYS B 365 -21.13 -54.66 20.78
N THR B 366 -20.02 -53.98 21.05
CA THR B 366 -20.00 -53.06 22.19
C THR B 366 -20.62 -51.71 21.90
N ASN B 367 -20.55 -51.26 20.64
CA ASN B 367 -21.10 -49.95 20.28
C ASN B 367 -22.52 -50.01 19.73
N LEU B 368 -22.87 -51.11 19.07
CA LEU B 368 -24.17 -51.21 18.41
C LEU B 368 -25.08 -52.32 18.92
N ASN B 369 -24.57 -53.14 19.84
CA ASN B 369 -25.31 -54.28 20.38
C ASN B 369 -25.68 -55.30 19.31
N ILE B 370 -24.79 -55.48 18.35
CA ILE B 370 -25.06 -56.37 17.23
C ILE B 370 -23.99 -57.46 17.20
N GLU B 371 -24.44 -58.70 17.37
CA GLU B 371 -23.59 -59.87 17.15
C GLU B 371 -23.64 -60.28 15.69
N THR B 372 -22.48 -60.63 15.17
CA THR B 372 -22.29 -60.92 13.75
C THR B 372 -21.62 -62.27 13.55
N THR B 373 -21.85 -62.88 12.40
CA THR B 373 -21.10 -64.06 11.96
C THR B 373 -19.85 -63.57 11.21
N VAL B 374 -18.90 -64.47 11.00
CA VAL B 374 -17.68 -64.17 10.25
C VAL B 374 -18.01 -63.73 8.83
N VAL B 375 -18.95 -64.41 8.20
CA VAL B 375 -19.35 -64.10 6.82
C VAL B 375 -19.99 -62.72 6.70
N GLU B 376 -20.75 -62.32 7.73
CA GLU B 376 -21.30 -60.98 7.81
C GLU B 376 -20.19 -59.95 7.94
N ARG B 377 -19.21 -60.25 8.80
CA ARG B 377 -18.10 -59.33 8.99
C ARG B 377 -17.26 -59.16 7.73
N LYS B 378 -17.18 -60.24 6.94
CA LYS B 378 -16.50 -60.18 5.66
C LYS B 378 -17.20 -59.25 4.68
N LEU B 379 -18.54 -59.25 4.69
CA LEU B 379 -19.34 -58.32 3.88
C LEU B 379 -19.11 -56.88 4.34
N ILE B 380 -19.14 -56.70 5.65
CA ILE B 380 -18.93 -55.41 6.27
C ILE B 380 -17.56 -54.84 5.91
N ARG B 381 -16.54 -55.69 5.97
CA ARG B 381 -15.17 -55.27 5.64
C ARG B 381 -15.03 -54.90 4.16
N LYS B 382 -15.61 -55.73 3.29
CA LYS B 382 -15.67 -55.42 1.85
C LYS B 382 -16.38 -54.07 1.61
N LEU B 383 -17.52 -53.86 2.27
CA LEU B 383 -18.24 -52.60 2.15
C LEU B 383 -17.38 -51.40 2.58
N ALA B 384 -16.67 -51.55 3.70
CA ALA B 384 -15.81 -50.45 4.17
C ALA B 384 -14.71 -50.14 3.17
N GLU B 385 -14.08 -51.18 2.63
CA GLU B 385 -13.04 -50.99 1.60
C GLU B 385 -13.62 -50.31 0.37
N LEU B 386 -14.83 -50.73 -0.04
CA LEU B 386 -15.48 -50.11 -1.22
C LEU B 386 -15.74 -48.62 -1.03
N VAL B 387 -16.25 -48.26 0.14
CA VAL B 387 -16.63 -46.86 0.41
C VAL B 387 -15.36 -45.99 0.55
N GLY B 388 -14.34 -46.50 1.25
CA GLY B 388 -13.10 -45.75 1.40
C GLY B 388 -12.43 -45.53 0.04
N THR B 389 -12.43 -46.57 -0.77
CA THR B 389 -11.80 -46.51 -2.08
C THR B 389 -12.53 -45.58 -3.03
N ARG B 390 -13.86 -45.65 -3.02
CA ARG B 390 -14.65 -44.73 -3.86
C ARG B 390 -14.36 -43.28 -3.53
N ALA B 391 -14.29 -42.95 -2.24
CA ALA B 391 -14.05 -41.58 -1.81
C ALA B 391 -12.70 -41.08 -2.32
N ALA B 392 -11.65 -41.90 -2.19
CA ALA B 392 -10.34 -41.56 -2.72
C ALA B 392 -10.36 -41.31 -4.22
N ARG B 393 -11.05 -42.20 -4.95
CA ARG B 393 -11.06 -42.12 -6.41
C ARG B 393 -11.79 -40.86 -6.88
N LEU B 394 -12.88 -40.52 -6.19
CA LEU B 394 -13.59 -39.28 -6.51
C LEU B 394 -12.78 -38.03 -6.17
N THR B 395 -12.10 -38.06 -5.04
CA THR B 395 -11.25 -36.94 -4.62
C THR B 395 -10.19 -36.65 -5.66
N VAL B 396 -9.51 -37.69 -6.15
CA VAL B 396 -8.44 -37.38 -7.09
C VAL B 396 -8.94 -36.88 -8.44
N CYS B 397 -10.25 -36.98 -8.71
CA CYS B 397 -10.78 -36.34 -9.93
C CYS B 397 -10.58 -34.83 -9.90
N GLY B 398 -10.67 -34.22 -8.72
CA GLY B 398 -10.42 -32.79 -8.55
C GLY B 398 -8.97 -32.45 -8.86
N VAL B 399 -8.07 -33.28 -8.34
CA VAL B 399 -6.62 -33.14 -8.56
C VAL B 399 -6.31 -33.25 -10.05
N SER B 400 -6.80 -34.32 -10.68
CA SER B 400 -6.57 -34.52 -12.10
C SER B 400 -7.13 -33.38 -12.95
N ALA B 401 -8.30 -32.86 -12.57
CA ALA B 401 -8.91 -31.73 -13.31
C ALA B 401 -8.03 -30.48 -13.28
N ILE B 402 -7.55 -30.11 -12.09
CA ILE B 402 -6.66 -28.96 -11.96
C ILE B 402 -5.36 -29.16 -12.73
N CYS B 403 -4.75 -30.34 -12.61
CA CYS B 403 -3.49 -30.56 -13.34
C CYS B 403 -3.72 -30.54 -14.84
N ASP B 404 -4.80 -31.15 -15.32
CA ASP B 404 -5.06 -31.16 -16.76
C ASP B 404 -5.42 -29.78 -17.27
N LYS B 405 -6.20 -29.02 -16.49
CA LYS B 405 -6.58 -27.64 -16.86
C LYS B 405 -5.33 -26.81 -17.10
N ARG B 406 -4.35 -26.93 -16.20
CA ARG B 406 -3.16 -26.06 -16.22
C ARG B 406 -1.97 -26.66 -16.99
N GLY B 407 -2.11 -27.92 -17.43
CA GLY B 407 -1.02 -28.57 -18.18
C GLY B 407 0.13 -29.02 -17.29
N TYR B 408 -0.15 -29.36 -16.03
CA TYR B 408 0.89 -29.89 -15.14
C TYR B 408 1.04 -31.39 -15.43
N LYS B 409 2.20 -31.76 -15.97
CA LYS B 409 2.44 -33.15 -16.33
C LYS B 409 3.06 -33.93 -15.17
N THR B 410 3.72 -33.21 -14.27
CA THR B 410 4.18 -33.76 -12.98
C THR B 410 3.70 -32.75 -11.95
N ALA B 411 3.48 -33.20 -10.73
CA ALA B 411 3.04 -32.29 -9.65
C ALA B 411 3.21 -32.97 -8.31
N HIS B 412 3.58 -32.17 -7.31
CA HIS B 412 3.30 -32.51 -5.91
C HIS B 412 2.01 -31.81 -5.51
N ILE B 413 1.11 -32.61 -4.94
CA ILE B 413 -0.19 -32.14 -4.46
C ILE B 413 -0.10 -32.14 -2.93
N ALA B 414 -0.02 -30.95 -2.35
CA ALA B 414 0.23 -30.83 -0.92
C ALA B 414 -1.08 -31.03 -0.19
N ALA B 415 -1.16 -32.13 0.56
CA ALA B 415 -2.42 -32.60 1.13
C ALA B 415 -2.42 -32.54 2.64
N ASP B 416 -3.58 -32.22 3.18
CA ASP B 416 -3.78 -32.18 4.63
C ASP B 416 -5.22 -32.61 4.88
N GLY B 417 -5.57 -32.73 6.15
CA GLY B 417 -6.94 -33.11 6.54
C GLY B 417 -6.94 -34.49 7.16
N SER B 418 -7.93 -34.73 8.03
CA SER B 418 -7.98 -35.97 8.81
C SER B 418 -8.09 -37.25 7.98
N VAL B 419 -8.72 -37.17 6.80
CA VAL B 419 -8.83 -38.35 5.93
C VAL B 419 -7.48 -38.70 5.31
N PHE B 420 -6.85 -37.71 4.67
CA PHE B 420 -5.54 -37.97 4.12
C PHE B 420 -4.55 -38.44 5.18
N ASN B 421 -4.56 -37.77 6.33
CA ASN B 421 -3.57 -38.07 7.36
C ASN B 421 -3.81 -39.37 8.14
N ARG B 422 -5.09 -39.75 8.30
CA ARG B 422 -5.42 -40.84 9.23
C ARG B 422 -6.28 -42.00 8.69
N TYR B 423 -6.96 -41.83 7.56
CA TYR B 423 -7.84 -42.92 7.08
C TYR B 423 -6.96 -44.04 6.52
N PRO B 424 -7.23 -45.30 6.93
CA PRO B 424 -6.37 -46.43 6.58
C PRO B 424 -6.18 -46.62 5.08
N GLY B 425 -4.91 -46.63 4.66
CA GLY B 425 -4.58 -46.88 3.25
C GLY B 425 -5.03 -45.79 2.30
N TYR B 426 -5.43 -44.63 2.81
CA TYR B 426 -5.94 -43.60 1.92
C TYR B 426 -4.88 -43.18 0.89
N LYS B 427 -3.65 -43.06 1.34
CA LYS B 427 -2.59 -42.61 0.41
C LYS B 427 -2.39 -43.62 -0.72
N GLU B 428 -2.43 -44.93 -0.41
CA GLU B 428 -2.37 -45.95 -1.45
C GLU B 428 -3.61 -45.93 -2.37
N LYS B 429 -4.80 -45.74 -1.79
CA LYS B 429 -6.00 -45.66 -2.60
C LYS B 429 -5.95 -44.49 -3.59
N ALA B 430 -5.52 -43.32 -3.10
CA ALA B 430 -5.42 -42.14 -3.94
C ALA B 430 -4.37 -42.28 -5.02
N ALA B 431 -3.22 -42.84 -4.66
CA ALA B 431 -2.15 -43.04 -5.65
C ALA B 431 -2.59 -44.00 -6.74
N GLN B 432 -3.26 -45.11 -6.36
CA GLN B 432 -3.71 -46.07 -7.37
C GLN B 432 -4.75 -45.40 -8.27
N ALA B 433 -5.57 -44.52 -7.69
CA ALA B 433 -6.63 -43.84 -8.44
C ALA B 433 -6.00 -42.97 -9.54
N LEU B 434 -4.94 -42.24 -9.18
CA LEU B 434 -4.27 -41.39 -10.17
C LEU B 434 -3.60 -42.22 -11.25
N LYS B 435 -2.97 -43.32 -10.84
CA LYS B 435 -2.38 -44.26 -11.80
C LYS B 435 -3.44 -44.80 -12.76
N ASP B 436 -4.63 -45.08 -12.25
CA ASP B 436 -5.71 -45.61 -13.07
C ASP B 436 -6.23 -44.54 -14.05
N ILE B 437 -6.36 -43.28 -13.60
CA ILE B 437 -6.78 -42.20 -14.50
C ILE B 437 -5.82 -42.05 -15.68
N TYR B 438 -4.52 -42.02 -15.39
CA TYR B 438 -3.52 -41.71 -16.40
C TYR B 438 -2.95 -42.93 -17.10
N ASN B 439 -3.26 -44.12 -16.58
CA ASN B 439 -2.73 -45.39 -17.12
C ASN B 439 -1.20 -45.35 -17.16
N TRP B 440 -0.61 -44.85 -16.09
CA TRP B 440 0.85 -44.73 -16.00
C TRP B 440 1.48 -46.11 -15.92
N ASP B 441 2.62 -46.25 -16.57
CA ASP B 441 3.48 -47.41 -16.37
C ASP B 441 4.49 -46.99 -15.30
N VAL B 442 4.25 -47.44 -14.07
CA VAL B 442 5.02 -47.04 -12.92
C VAL B 442 4.88 -48.10 -11.81
N GLU B 443 6.01 -48.45 -11.21
CA GLU B 443 6.07 -49.48 -10.17
C GLU B 443 5.72 -48.91 -8.78
N LYS B 444 6.39 -47.83 -8.38
CA LYS B 444 6.29 -47.32 -7.00
C LYS B 444 5.50 -46.03 -6.91
N MET B 445 4.69 -45.88 -5.86
CA MET B 445 3.88 -44.66 -5.73
C MET B 445 4.73 -43.42 -5.54
N GLU B 446 5.91 -43.56 -4.95
CA GLU B 446 6.80 -42.41 -4.76
C GLU B 446 7.31 -41.85 -6.10
N ASP B 447 7.11 -42.62 -7.18
CA ASP B 447 7.54 -42.18 -8.52
C ASP B 447 6.37 -41.79 -9.43
N HIS B 448 5.17 -41.69 -8.87
CA HIS B 448 4.03 -41.24 -9.64
C HIS B 448 4.27 -39.81 -10.13
N PRO B 449 4.03 -39.57 -11.43
CA PRO B 449 4.21 -38.19 -11.94
C PRO B 449 3.45 -37.11 -11.16
N ILE B 450 2.17 -37.39 -10.84
CA ILE B 450 1.33 -36.53 -10.02
C ILE B 450 1.10 -37.32 -8.73
N GLN B 451 1.51 -36.75 -7.61
CA GLN B 451 1.48 -37.48 -6.36
C GLN B 451 1.17 -36.58 -5.18
N LEU B 452 0.40 -37.13 -4.24
CA LEU B 452 0.09 -36.41 -3.02
C LEU B 452 1.22 -36.54 -2.02
N VAL B 453 1.54 -35.41 -1.38
CA VAL B 453 2.60 -35.37 -0.36
C VAL B 453 2.06 -34.60 0.84
N ALA B 454 2.62 -34.81 2.02
CA ALA B 454 2.17 -34.07 3.20
C ALA B 454 2.41 -32.56 3.04
N ALA B 455 1.37 -31.78 3.28
CA ALA B 455 1.42 -30.31 3.22
C ALA B 455 2.09 -29.68 4.43
N GLU B 456 2.61 -28.48 4.19
CA GLU B 456 2.91 -27.59 5.30
C GLU B 456 1.63 -27.01 5.90
N ASP B 457 1.78 -26.43 7.10
CA ASP B 457 0.66 -25.80 7.86
C ASP B 457 0.07 -24.59 7.15
N GLY B 458 -1.12 -24.75 6.59
CA GLY B 458 -1.74 -23.67 5.80
C GLY B 458 -2.27 -22.48 6.59
N SER B 459 -2.95 -22.79 7.71
CA SER B 459 -3.63 -21.70 8.45
C SER B 459 -2.69 -20.88 9.31
N GLY B 460 -1.50 -21.44 9.60
CA GLY B 460 -0.47 -20.73 10.38
C GLY B 460 0.65 -20.28 9.46
N VAL B 461 1.56 -21.19 9.17
CA VAL B 461 2.71 -20.87 8.33
C VAL B 461 2.27 -20.24 7.00
N GLY B 462 1.24 -20.83 6.36
CA GLY B 462 0.80 -20.30 5.04
C GLY B 462 0.28 -18.88 5.13
N ALA B 463 -0.47 -18.57 6.18
CA ALA B 463 -0.94 -17.18 6.39
C ALA B 463 0.23 -16.20 6.56
N ALA B 464 1.25 -16.64 7.30
CA ALA B 464 2.42 -15.79 7.53
C ALA B 464 3.18 -15.56 6.23
N ILE B 465 3.39 -16.62 5.45
CA ILE B 465 4.07 -16.46 4.16
C ILE B 465 3.26 -15.58 3.21
N ILE B 466 1.93 -15.74 3.19
CA ILE B 466 1.12 -14.84 2.38
C ILE B 466 1.24 -13.38 2.87
N ALA B 467 1.35 -13.15 4.20
CA ALA B 467 1.57 -11.80 4.69
C ALA B 467 2.91 -11.25 4.14
N CYS B 468 3.94 -12.08 4.10
CA CYS B 468 5.21 -11.70 3.52
C CYS B 468 5.03 -11.30 2.05
N LEU B 469 4.41 -12.17 1.24
CA LEU B 469 4.24 -11.85 -0.20
C LEU B 469 3.40 -10.60 -0.38
N THR B 470 2.40 -10.47 0.46
CA THR B 470 1.55 -9.29 0.39
C THR B 470 2.31 -8.01 0.72
N GLN B 471 3.08 -8.02 1.80
CA GLN B 471 3.84 -6.85 2.18
C GLN B 471 4.81 -6.42 1.06
N LYS B 472 5.42 -7.39 0.36
CA LYS B 472 6.30 -7.04 -0.76
C LYS B 472 5.60 -6.10 -1.73
N ARG B 473 4.33 -6.42 -2.06
CA ARG B 473 3.59 -5.59 -2.99
C ARG B 473 3.10 -4.30 -2.36
N LEU B 474 2.53 -4.39 -1.15
CA LEU B 474 2.02 -3.16 -0.50
C LEU B 474 3.10 -2.10 -0.32
N ALA B 475 4.28 -2.52 0.12
CA ALA B 475 5.38 -1.58 0.37
C ALA B 475 5.82 -0.84 -0.90
N ALA B 476 5.60 -1.49 -2.05
CA ALA B 476 5.92 -0.91 -3.35
C ALA B 476 4.79 -0.05 -3.94
N GLY B 477 3.65 -0.03 -3.25
CA GLY B 477 2.46 0.69 -3.74
C GLY B 477 1.73 -0.12 -4.80
N LYS B 478 2.00 -1.43 -4.84
CA LYS B 478 1.39 -2.31 -5.87
C LYS B 478 0.10 -2.91 -5.33
N SER B 479 -0.87 -3.08 -6.21
CA SER B 479 -2.20 -3.56 -5.80
C SER B 479 -2.24 -5.01 -5.42
N VAL B 480 -3.17 -5.32 -4.53
CA VAL B 480 -3.44 -6.70 -4.12
C VAL B 480 -4.96 -6.95 -4.17
N GLY B 481 -5.61 -6.37 -5.16
CA GLY B 481 -7.07 -6.42 -5.24
C GLY B 481 -7.61 -5.66 -6.44
N ILE B 482 -8.93 -5.53 -6.49
CA ILE B 482 -9.61 -4.86 -7.56
C ILE B 482 -9.31 -3.36 -7.55
N LYS B 483 -9.28 -2.79 -8.76
CA LYS B 483 -9.10 -1.36 -8.95
C LYS B 483 -10.12 -0.57 -8.12
N GLY B 484 -9.61 0.37 -7.34
CA GLY B 484 -10.48 1.28 -6.58
C GLY B 484 -10.86 0.79 -5.21
N GLU B 485 -10.43 -0.42 -4.87
CA GLU B 485 -10.71 -0.98 -3.53
C GLU B 485 -9.56 -0.78 -2.54
C1 GOL C . 8.33 26.30 -5.75
O1 GOL C . 8.00 25.17 -4.96
C2 GOL C . 9.47 27.02 -5.05
O2 GOL C . 10.72 26.42 -5.32
C3 GOL C . 9.52 28.47 -5.51
O3 GOL C . 9.73 28.51 -6.89
C1 GOL D . 2.34 17.50 -7.13
O1 GOL D . 0.95 17.72 -7.03
C2 GOL D . 2.93 18.73 -7.81
O2 GOL D . 2.92 19.80 -6.88
C3 GOL D . 4.37 18.45 -8.21
O3 GOL D . 4.69 19.31 -9.27
P PO4 E . 16.27 30.51 -6.59
O1 PO4 E . 14.76 30.40 -6.55
O2 PO4 E . 16.71 30.13 -5.20
O3 PO4 E . 16.77 29.56 -7.64
O4 PO4 E . 16.60 31.95 -6.98
C1 GOL F . -11.86 -25.32 3.88
O1 GOL F . -10.94 -24.42 3.33
C2 GOL F . -11.14 -26.63 4.10
O2 GOL F . -10.46 -26.62 5.35
C3 GOL F . -12.17 -27.76 4.14
O3 GOL F . -13.13 -27.50 5.13
C1 GOL G . -28.16 -34.44 -19.53
O1 GOL G . -28.05 -33.16 -18.98
C2 GOL G . -26.85 -35.11 -19.89
O2 GOL G . -25.88 -34.86 -18.89
C3 GOL G . -27.13 -36.59 -20.13
O3 GOL G . -26.08 -37.22 -20.82
C1 GOL H . -16.76 -1.39 6.71
O1 GOL H . -17.12 -2.71 6.41
C2 GOL H . -17.78 -0.74 7.64
O2 GOL H . -17.78 -1.37 8.90
C3 GOL H . -19.16 -0.76 6.99
O3 GOL H . -19.66 0.56 6.91
P PO4 I . -10.60 -32.33 9.76
O1 PO4 I . -11.37 -31.29 9.00
O2 PO4 I . -11.48 -33.55 9.75
O3 PO4 I . -9.27 -32.46 9.06
O4 PO4 I . -10.41 -31.92 11.20
P PO4 J . -11.14 -50.05 -15.48
O1 PO4 J . -12.39 -50.33 -16.27
O2 PO4 J . -11.51 -49.24 -14.27
O3 PO4 J . -10.50 -51.34 -15.03
O4 PO4 J . -10.17 -49.28 -16.33
#